data_9FN8
#
_entry.id   9FN8
#
_cell.length_a   77.522
_cell.length_b   74.084
_cell.length_c   91.838
_cell.angle_alpha   90.00
_cell.angle_beta   108.84
_cell.angle_gamma   90.00
#
_symmetry.space_group_name_H-M   'P 1 21 1'
#
loop_
_entity.id
_entity.type
_entity.pdbx_description
1 polymer 'Carbonic anhydrase 12'
2 non-polymer 'ZINC ION'
3 non-polymer 1,2-ETHANEDIOL
4 non-polymer 5,7,8-tris(fluoranyl)-1,1-bis(oxidanylidene)-4-(phenylmethyl)-2,3-dihydro-1$l^{6},4-benzothiazine-6-sulfonamide
5 non-polymer 'DIMETHYL SULFOXIDE'
6 water water
#
_entity_poly.entity_id   1
_entity_poly.type   'polypeptide(L)'
_entity_poly.pdbx_seq_one_letter_code
;MSKWTYFGPDGENSWSKKYPSCGGLLQSPIDLHSDILQYDASLTPLEFQGYNLSANKQFLLTNNGHSVKLNLPSDMHIQG
LQSRYSATQLHLHWGNPNDPHGSEHTVSGQHFAAELHIVHYNSDLYPDASTASNKSEGLAVLAVLIEMGSFNPSYDKIFS
HLQHVKYKGQEAFVPGFNIEELLPERTAEYYRYRGSLTTPPCNPTVLWTVFRNPVQISQEQLLALETALYCTHMDDPSPR
EMINNFRQVQKFDERLVYTSFSQ
;
_entity_poly.pdbx_strand_id   A,B,C,D
#
# COMPACT_ATOMS: atom_id res chain seq x y z
N TRP A 4 -3.64 3.55 32.48
CA TRP A 4 -4.33 2.70 31.45
C TRP A 4 -4.47 1.28 32.01
N THR A 5 -5.52 0.59 31.53
CA THR A 5 -5.81 -0.76 32.00
C THR A 5 -6.36 -1.54 30.82
N TYR A 6 -6.77 -2.79 31.08
CA TYR A 6 -7.41 -3.66 30.08
C TYR A 6 -8.93 -3.74 30.30
N PHE A 7 -9.51 -2.93 31.19
CA PHE A 7 -10.94 -3.06 31.49
C PHE A 7 -11.50 -1.71 31.95
N GLY A 8 -12.82 -1.60 32.03
CA GLY A 8 -13.47 -0.43 32.62
C GLY A 8 -13.15 0.81 31.79
N PRO A 9 -13.29 2.01 32.34
CA PRO A 9 -13.23 3.18 31.49
C PRO A 9 -11.84 3.56 31.02
N ASP A 10 -10.77 2.92 31.54
CA ASP A 10 -9.42 3.25 31.10
C ASP A 10 -8.85 2.14 30.20
N GLY A 11 -9.70 1.26 29.69
CA GLY A 11 -9.39 0.10 28.88
C GLY A 11 -9.04 0.55 27.45
N GLU A 12 -8.87 -0.46 26.60
CA GLU A 12 -8.17 -0.28 25.34
C GLU A 12 -8.87 0.69 24.39
N ASN A 13 -10.20 0.83 24.45
CA ASN A 13 -10.84 1.78 23.55
C ASN A 13 -10.54 3.22 23.91
N SER A 14 -10.03 3.45 25.13
N SER A 14 -10.02 3.45 25.14
CA SER A 14 -9.74 4.81 25.57
CA SER A 14 -9.72 4.77 25.67
C SER A 14 -8.23 5.10 25.61
C SER A 14 -8.23 5.14 25.49
N TRP A 15 -7.36 4.15 25.22
CA TRP A 15 -5.93 4.40 25.22
C TRP A 15 -5.55 5.59 24.34
N SER A 16 -6.23 5.75 23.20
CA SER A 16 -5.85 6.77 22.25
C SER A 16 -6.02 8.19 22.80
N LYS A 17 -6.82 8.38 23.86
N LYS A 17 -6.76 8.36 23.91
CA LYS A 17 -6.90 9.69 24.49
CA LYS A 17 -6.88 9.72 24.40
C LYS A 17 -5.50 10.18 24.87
C LYS A 17 -5.60 10.23 25.04
N LYS A 18 -4.83 9.40 25.74
CA LYS A 18 -3.56 9.83 26.25
C LYS A 18 -2.42 9.41 25.35
N TYR A 19 -2.62 8.39 24.53
CA TYR A 19 -1.55 7.77 23.74
C TYR A 19 -2.01 7.77 22.30
N PRO A 20 -1.81 8.87 21.55
CA PRO A 20 -2.44 8.98 20.25
C PRO A 20 -2.08 7.89 19.26
N SER A 21 -0.86 7.31 19.40
CA SER A 21 -0.51 6.27 18.45
C SER A 21 -1.45 5.06 18.52
N CYS A 22 -2.12 4.86 19.66
CA CYS A 22 -3.03 3.74 19.79
C CYS A 22 -4.23 3.82 18.85
N GLY A 23 -4.47 5.02 18.31
CA GLY A 23 -5.49 5.22 17.30
C GLY A 23 -4.90 5.48 15.91
N GLY A 24 -3.60 5.23 15.75
CA GLY A 24 -2.93 5.48 14.48
C GLY A 24 -2.80 4.24 13.64
N LEU A 25 -1.84 4.28 12.73
CA LEU A 25 -1.60 3.22 11.78
C LEU A 25 -0.76 2.09 12.38
N LEU A 26 -0.79 0.96 11.67
CA LEU A 26 0.13 -0.18 11.86
C LEU A 26 -0.09 -0.81 13.23
N GLN A 27 -1.34 -0.79 13.73
CA GLN A 27 -1.53 -1.33 15.09
C GLN A 27 -1.58 -2.86 15.14
N SER A 28 -1.00 -3.39 16.22
CA SER A 28 -0.98 -4.79 16.56
C SER A 28 -1.85 -5.04 17.79
N PRO A 29 -2.26 -6.30 18.08
CA PRO A 29 -2.02 -7.52 17.29
C PRO A 29 -3.04 -7.67 16.18
N ILE A 30 -2.87 -8.73 15.40
CA ILE A 30 -3.71 -9.01 14.24
C ILE A 30 -4.02 -10.49 14.18
N ASP A 31 -5.04 -10.80 13.38
CA ASP A 31 -5.34 -12.19 13.03
C ASP A 31 -4.45 -12.63 11.87
N LEU A 32 -3.81 -13.76 12.05
CA LEU A 32 -2.94 -14.36 11.02
C LEU A 32 -3.73 -15.43 10.27
N HIS A 33 -4.15 -15.16 9.03
CA HIS A 33 -5.04 -16.11 8.36
C HIS A 33 -4.60 -16.23 6.92
N SER A 34 -4.97 -17.36 6.27
CA SER A 34 -4.34 -17.83 5.03
C SER A 34 -4.36 -16.80 3.90
N ASP A 35 -5.47 -16.05 3.75
CA ASP A 35 -5.71 -15.08 2.68
C ASP A 35 -4.66 -13.98 2.66
N ILE A 36 -4.03 -13.72 3.81
CA ILE A 36 -3.11 -12.58 3.88
C ILE A 36 -1.67 -13.03 4.06
N LEU A 37 -1.39 -14.34 3.96
CA LEU A 37 -0.01 -14.82 4.13
C LEU A 37 0.66 -14.92 2.78
N GLN A 38 1.95 -14.63 2.74
CA GLN A 38 2.69 -14.80 1.50
C GLN A 38 4.11 -15.24 1.83
N TYR A 39 4.53 -16.39 1.30
CA TYR A 39 5.89 -16.88 1.49
C TYR A 39 6.91 -15.83 1.01
N ASP A 40 7.97 -15.67 1.80
CA ASP A 40 9.03 -14.75 1.41
C ASP A 40 10.36 -15.43 1.68
N ALA A 41 11.10 -15.77 0.60
CA ALA A 41 12.35 -16.52 0.74
C ALA A 41 13.43 -15.71 1.48
N SER A 42 13.25 -14.38 1.63
CA SER A 42 14.25 -13.59 2.34
C SER A 42 14.20 -13.85 3.85
N LEU A 43 13.16 -14.55 4.31
CA LEU A 43 12.99 -14.71 5.74
C LEU A 43 13.75 -15.94 6.26
N THR A 44 15.04 -15.67 6.51
N THR A 44 15.04 -15.73 6.47
CA THR A 44 16.07 -16.61 6.88
CA THR A 44 15.92 -16.81 6.85
C THR A 44 15.97 -16.88 8.38
C THR A 44 15.87 -16.95 8.37
N PRO A 45 16.50 -18.00 8.93
CA PRO A 45 16.42 -18.23 10.36
C PRO A 45 17.13 -17.18 11.19
N LEU A 46 16.51 -16.77 12.26
CA LEU A 46 17.15 -15.94 13.27
C LEU A 46 18.09 -16.79 14.13
N GLU A 47 19.12 -16.13 14.67
N GLU A 47 19.12 -16.09 14.63
CA GLU A 47 20.02 -16.79 15.60
CA GLU A 47 20.05 -16.63 15.60
C GLU A 47 20.00 -16.01 16.92
C GLU A 47 19.80 -15.95 16.94
N PHE A 48 19.78 -16.75 18.01
CA PHE A 48 19.52 -16.22 19.35
C PHE A 48 20.81 -16.26 20.13
N GLN A 49 21.45 -15.10 20.35
CA GLN A 49 22.81 -15.05 20.86
C GLN A 49 22.78 -14.48 22.26
N GLY A 50 23.58 -15.07 23.18
CA GLY A 50 23.55 -14.55 24.52
C GLY A 50 22.29 -14.96 25.27
N TYR A 51 21.45 -15.88 24.74
CA TYR A 51 20.22 -16.28 25.41
C TYR A 51 20.47 -17.23 26.58
N ASN A 52 21.64 -17.85 26.62
CA ASN A 52 21.94 -18.79 27.68
C ASN A 52 22.48 -17.99 28.87
N LEU A 53 21.59 -17.39 29.66
CA LEU A 53 21.98 -16.45 30.72
C LEU A 53 22.76 -17.14 31.82
N SER A 54 23.79 -16.43 32.28
CA SER A 54 24.65 -16.96 33.33
C SER A 54 23.81 -17.42 34.50
N ALA A 55 23.97 -18.68 34.92
CA ALA A 55 23.28 -19.13 36.12
C ALA A 55 23.86 -18.46 37.37
N ASN A 56 25.01 -17.78 37.21
CA ASN A 56 25.62 -17.08 38.33
C ASN A 56 25.13 -15.64 38.46
N LYS A 57 24.18 -15.27 37.59
N LYS A 57 24.30 -15.16 37.52
CA LYS A 57 23.62 -13.93 37.60
CA LYS A 57 23.73 -13.82 37.52
C LYS A 57 22.17 -14.02 38.07
C LYS A 57 22.22 -13.90 37.83
N GLN A 58 21.62 -12.86 38.41
CA GLN A 58 20.21 -12.83 38.75
C GLN A 58 19.54 -11.79 37.88
N PHE A 59 18.28 -12.07 37.49
CA PHE A 59 17.54 -11.21 36.59
C PHE A 59 16.25 -10.83 37.27
N LEU A 60 15.92 -9.55 37.18
CA LEU A 60 14.82 -9.02 37.96
C LEU A 60 13.46 -9.29 37.33
N LEU A 61 12.55 -9.88 38.09
CA LEU A 61 11.16 -10.06 37.72
C LEU A 61 10.36 -9.02 38.46
N THR A 62 9.47 -8.37 37.71
N THR A 62 9.57 -8.21 37.75
CA THR A 62 8.67 -7.28 38.24
CA THR A 62 8.81 -7.14 38.41
C THR A 62 7.19 -7.43 37.89
C THR A 62 7.37 -7.08 37.90
N ASN A 63 6.38 -6.93 38.81
CA ASN A 63 4.99 -6.61 38.50
C ASN A 63 4.84 -5.09 38.44
N ASN A 64 4.61 -4.53 37.24
CA ASN A 64 4.49 -3.07 37.13
C ASN A 64 3.03 -2.62 37.10
N GLY A 65 2.11 -3.53 37.42
CA GLY A 65 0.70 -3.21 37.50
C GLY A 65 0.04 -3.40 36.14
N HIS A 66 0.84 -3.31 35.07
CA HIS A 66 0.29 -3.56 33.76
C HIS A 66 0.73 -4.97 33.40
N SER A 67 1.96 -5.29 33.85
CA SER A 67 2.57 -6.51 33.35
C SER A 67 3.54 -7.07 34.39
N VAL A 68 3.72 -8.42 34.41
N VAL A 68 3.80 -8.37 34.27
CA VAL A 68 4.92 -9.10 34.94
CA VAL A 68 4.95 -8.98 34.95
C VAL A 68 6.00 -9.29 33.85
C VAL A 68 6.03 -9.33 33.92
N LYS A 69 7.16 -8.70 34.12
CA LYS A 69 8.23 -8.69 33.13
C LYS A 69 9.50 -9.23 33.79
N LEU A 70 10.32 -9.87 32.97
CA LEU A 70 11.65 -10.31 33.36
C LEU A 70 12.66 -9.42 32.61
N ASN A 71 13.52 -8.71 33.36
CA ASN A 71 14.51 -7.86 32.70
C ASN A 71 15.59 -8.74 32.09
N LEU A 72 16.07 -8.36 30.92
CA LEU A 72 17.07 -9.13 30.22
C LEU A 72 18.28 -8.24 29.96
N PRO A 73 19.47 -8.86 29.83
CA PRO A 73 20.67 -8.08 29.63
C PRO A 73 20.93 -7.75 28.16
N SER A 74 21.62 -6.64 27.90
CA SER A 74 21.71 -6.20 26.52
C SER A 74 22.75 -7.00 25.74
N ASP A 75 23.57 -7.86 26.39
CA ASP A 75 24.41 -8.79 25.61
C ASP A 75 23.57 -9.89 24.95
N MET A 76 22.30 -10.00 25.30
CA MET A 76 21.40 -10.96 24.64
C MET A 76 20.85 -10.29 23.37
N HIS A 77 20.94 -10.94 22.22
CA HIS A 77 20.47 -10.29 21.02
C HIS A 77 20.05 -11.27 19.93
N ILE A 78 19.25 -10.77 18.98
N ILE A 78 19.36 -10.69 18.93
CA ILE A 78 18.96 -11.51 17.76
CA ILE A 78 18.93 -11.35 17.71
C ILE A 78 20.02 -11.10 16.77
C ILE A 78 19.94 -11.04 16.64
N GLN A 79 20.49 -12.11 16.03
CA GLN A 79 21.29 -11.99 14.84
C GLN A 79 20.45 -12.51 13.67
N GLY A 80 20.59 -11.83 12.54
CA GLY A 80 19.95 -12.23 11.29
C GLY A 80 19.04 -11.15 10.73
N LEU A 81 18.72 -10.10 11.51
CA LEU A 81 18.07 -8.93 10.98
C LEU A 81 19.14 -7.98 10.42
N GLN A 82 18.76 -6.86 9.77
CA GLN A 82 19.73 -5.96 9.16
CA GLN A 82 19.80 -6.03 9.18
C GLN A 82 20.64 -5.33 10.23
N SER A 83 20.06 -4.97 11.36
CA SER A 83 20.78 -4.47 12.52
C SER A 83 20.70 -5.49 13.63
N ARG A 84 21.62 -5.39 14.58
CA ARG A 84 21.49 -6.15 15.82
C ARG A 84 20.35 -5.57 16.64
N TYR A 85 19.50 -6.47 17.18
CA TYR A 85 18.44 -6.08 18.12
C TYR A 85 18.75 -6.76 19.44
N SER A 86 18.93 -5.94 20.47
CA SER A 86 19.30 -6.41 21.81
C SER A 86 18.08 -6.53 22.68
N ALA A 87 18.04 -7.60 23.49
CA ALA A 87 16.92 -7.79 24.38
C ALA A 87 16.82 -6.75 25.49
N THR A 88 15.59 -6.50 25.92
CA THR A 88 15.36 -5.66 27.07
C THR A 88 14.51 -6.34 28.13
N GLN A 89 13.49 -7.10 27.74
CA GLN A 89 12.61 -7.72 28.72
C GLN A 89 11.75 -8.76 28.02
N LEU A 90 11.18 -9.69 28.79
CA LEU A 90 10.11 -10.53 28.30
C LEU A 90 8.92 -10.46 29.24
N HIS A 91 7.73 -10.81 28.71
CA HIS A 91 6.50 -10.78 29.51
C HIS A 91 5.47 -11.66 28.81
N LEU A 92 4.31 -11.83 29.44
CA LEU A 92 3.28 -12.70 28.89
C LEU A 92 1.93 -11.98 28.87
N HIS A 93 1.01 -12.58 28.11
CA HIS A 93 -0.40 -12.14 28.05
C HIS A 93 -1.27 -13.38 28.19
N TRP A 94 -2.41 -13.26 28.88
CA TRP A 94 -3.27 -14.42 29.11
C TRP A 94 -4.72 -13.95 29.31
N GLY A 95 -5.60 -14.95 29.46
CA GLY A 95 -7.02 -14.70 29.59
C GLY A 95 -7.47 -14.86 31.03
N ASN A 96 -8.40 -15.79 31.29
CA ASN A 96 -8.83 -15.99 32.65
C ASN A 96 -9.37 -17.41 32.74
N PRO A 97 -9.56 -17.98 33.96
CA PRO A 97 -9.93 -19.40 34.07
C PRO A 97 -11.24 -19.75 33.39
N ASN A 98 -12.18 -18.80 33.33
CA ASN A 98 -13.45 -19.06 32.68
C ASN A 98 -13.36 -18.99 31.17
N ASP A 99 -12.31 -18.40 30.61
CA ASP A 99 -12.18 -18.27 29.16
C ASP A 99 -10.67 -18.21 28.90
N PRO A 100 -10.00 -19.38 28.94
CA PRO A 100 -8.53 -19.42 29.01
C PRO A 100 -7.89 -19.31 27.63
N HIS A 101 -8.18 -18.19 26.95
CA HIS A 101 -7.76 -17.96 25.56
C HIS A 101 -7.36 -16.52 25.37
N GLY A 102 -6.16 -16.20 25.85
CA GLY A 102 -5.75 -14.83 25.97
C GLY A 102 -4.46 -14.50 25.22
N SER A 103 -4.15 -15.24 24.12
CA SER A 103 -3.08 -14.74 23.25
C SER A 103 -3.50 -13.39 22.66
N GLU A 104 -2.52 -12.64 22.17
CA GLU A 104 -2.77 -11.39 21.45
C GLU A 104 -3.00 -11.67 19.99
N HIS A 105 -2.01 -12.27 19.32
CA HIS A 105 -2.26 -12.68 17.95
C HIS A 105 -3.23 -13.88 17.92
N THR A 106 -3.97 -13.99 16.84
CA THR A 106 -4.85 -15.13 16.61
C THR A 106 -4.41 -15.78 15.29
N VAL A 107 -4.78 -17.06 15.10
CA VAL A 107 -4.42 -17.77 13.87
C VAL A 107 -5.75 -18.30 13.32
N SER A 108 -6.17 -17.88 12.14
N SER A 108 -6.11 -17.84 12.12
CA SER A 108 -7.44 -18.31 11.57
CA SER A 108 -7.38 -18.10 11.45
C SER A 108 -8.57 -18.03 12.56
C SER A 108 -8.52 -17.96 12.44
N GLY A 109 -8.47 -16.85 13.19
CA GLY A 109 -9.50 -16.36 14.09
C GLY A 109 -9.41 -16.93 15.49
N GLN A 110 -8.53 -17.89 15.78
CA GLN A 110 -8.49 -18.55 17.07
C GLN A 110 -7.40 -18.05 17.97
N HIS A 111 -7.78 -17.79 19.21
CA HIS A 111 -6.83 -17.45 20.24
C HIS A 111 -6.14 -18.69 20.75
N PHE A 112 -4.87 -18.55 21.11
CA PHE A 112 -4.19 -19.51 21.93
C PHE A 112 -4.39 -19.18 23.40
N ALA A 113 -3.96 -20.07 24.28
CA ALA A 113 -4.18 -19.86 25.70
C ALA A 113 -3.47 -18.61 26.20
N ALA A 114 -2.23 -18.39 25.71
CA ALA A 114 -1.43 -17.27 26.20
C ALA A 114 -0.40 -16.97 25.14
N GLU A 115 0.42 -15.92 25.40
CA GLU A 115 1.46 -15.54 24.43
C GLU A 115 2.60 -14.92 25.22
N LEU A 116 3.83 -15.32 24.86
N LEU A 116 3.82 -15.29 24.86
CA LEU A 116 5.10 -14.79 25.37
CA LEU A 116 5.00 -14.68 25.49
C LEU A 116 5.69 -13.78 24.37
C LEU A 116 5.69 -13.81 24.45
N HIS A 117 6.14 -12.63 24.87
CA HIS A 117 6.86 -11.67 24.03
C HIS A 117 8.24 -11.40 24.60
N ILE A 118 9.24 -11.40 23.70
N ILE A 118 9.24 -11.41 23.69
CA ILE A 118 10.62 -11.08 24.08
CA ILE A 118 10.58 -10.99 24.08
C ILE A 118 10.92 -9.78 23.30
C ILE A 118 10.85 -9.73 23.28
N VAL A 119 11.00 -8.64 24.02
CA VAL A 119 11.13 -7.31 23.46
C VAL A 119 12.62 -7.02 23.25
N HIS A 120 12.93 -6.54 22.03
CA HIS A 120 14.31 -6.15 21.67
C HIS A 120 14.28 -4.76 21.02
N TYR A 121 15.44 -4.08 21.03
CA TYR A 121 15.54 -2.79 20.38
C TYR A 121 16.79 -2.76 19.51
N ASN A 122 16.79 -1.84 18.53
CA ASN A 122 17.91 -1.72 17.60
C ASN A 122 19.07 -1.01 18.29
N SER A 123 20.02 -1.80 18.78
CA SER A 123 21.09 -1.24 19.56
C SER A 123 22.23 -0.75 18.61
N ASP A 124 22.20 -1.11 17.32
CA ASP A 124 23.14 -0.49 16.38
C ASP A 124 22.81 0.98 16.16
N LEU A 125 21.54 1.38 16.20
CA LEU A 125 21.13 2.72 15.85
C LEU A 125 20.83 3.56 17.11
N TYR A 126 20.41 2.89 18.21
CA TYR A 126 19.87 3.60 19.35
C TYR A 126 20.45 3.12 20.65
N PRO A 127 20.51 3.98 21.68
CA PRO A 127 21.14 3.63 22.96
C PRO A 127 20.38 2.76 23.94
N ASP A 128 19.07 2.71 23.80
CA ASP A 128 18.22 1.99 24.75
C ASP A 128 16.83 1.83 24.14
N ALA A 129 16.00 0.93 24.73
CA ALA A 129 14.72 0.64 24.10
C ALA A 129 13.84 1.86 24.15
N SER A 130 13.89 2.61 25.27
CA SER A 130 13.01 3.76 25.39
C SER A 130 13.29 4.72 24.23
N THR A 131 14.57 5.00 24.01
CA THR A 131 14.86 5.93 22.93
C THR A 131 14.52 5.32 21.57
N ALA A 132 14.71 4.00 21.36
CA ALA A 132 14.39 3.39 20.09
C ALA A 132 12.89 3.33 19.78
N SER A 133 12.06 3.41 20.83
CA SER A 133 10.67 2.99 20.67
C SER A 133 9.87 3.90 19.72
N ASN A 134 10.27 5.16 19.56
CA ASN A 134 9.50 6.05 18.70
C ASN A 134 10.26 6.31 17.39
N LYS A 135 11.24 5.44 17.11
CA LYS A 135 12.16 5.69 16.03
C LYS A 135 12.01 4.63 14.94
N SER A 136 12.45 5.02 13.73
CA SER A 136 12.56 4.14 12.57
C SER A 136 13.35 2.89 12.93
N GLU A 137 12.83 1.74 12.49
CA GLU A 137 13.50 0.46 12.73
C GLU A 137 13.79 0.26 14.24
N GLY A 138 12.93 0.75 15.14
CA GLY A 138 13.37 0.82 16.52
C GLY A 138 13.32 -0.49 17.29
N LEU A 139 12.23 -1.27 17.11
CA LEU A 139 11.96 -2.39 17.99
C LEU A 139 11.73 -3.68 17.19
N ALA A 140 11.98 -4.83 17.85
CA ALA A 140 11.66 -6.14 17.30
C ALA A 140 11.14 -6.98 18.47
N VAL A 141 9.97 -7.61 18.28
CA VAL A 141 9.43 -8.45 19.34
C VAL A 141 9.30 -9.85 18.78
N LEU A 142 9.73 -10.83 19.59
CA LEU A 142 9.50 -12.24 19.27
C LEU A 142 8.26 -12.69 20.03
N ALA A 143 7.37 -13.40 19.35
CA ALA A 143 6.12 -13.87 19.99
C ALA A 143 6.03 -15.38 19.90
N VAL A 144 5.74 -15.99 21.06
CA VAL A 144 5.54 -17.43 21.17
C VAL A 144 4.09 -17.67 21.61
N LEU A 145 3.36 -18.43 20.79
CA LEU A 145 1.99 -18.82 21.14
C LEU A 145 2.08 -19.99 22.11
N ILE A 146 1.19 -19.99 23.12
CA ILE A 146 1.20 -20.99 24.18
C ILE A 146 -0.16 -21.67 24.21
N GLU A 147 -0.14 -23.01 24.25
CA GLU A 147 -1.36 -23.84 24.41
C GLU A 147 -1.18 -24.77 25.62
N MET A 148 -2.32 -25.21 26.17
CA MET A 148 -2.27 -26.13 27.29
C MET A 148 -1.87 -27.52 26.76
N GLY A 149 -0.99 -28.22 27.47
CA GLY A 149 -0.55 -29.58 27.17
C GLY A 149 0.36 -30.11 28.27
N SER A 150 1.50 -30.69 27.92
N SER A 150 1.59 -30.46 27.88
CA SER A 150 2.33 -31.25 28.97
CA SER A 150 2.58 -31.03 28.78
C SER A 150 3.00 -30.10 29.74
C SER A 150 3.13 -29.98 29.75
N PHE A 151 3.41 -30.43 30.97
CA PHE A 151 4.17 -29.56 31.87
C PHE A 151 5.46 -29.12 31.18
N ASN A 152 5.80 -27.84 31.38
CA ASN A 152 6.96 -27.29 30.69
C ASN A 152 7.94 -26.81 31.75
N PRO A 153 9.02 -27.57 32.03
CA PRO A 153 9.97 -27.20 33.08
C PRO A 153 10.63 -25.84 32.84
N SER A 154 10.81 -25.48 31.57
CA SER A 154 11.47 -24.21 31.28
C SER A 154 10.58 -23.02 31.64
N TYR A 155 9.31 -23.06 31.24
CA TYR A 155 8.44 -21.96 31.65
C TYR A 155 8.33 -21.93 33.18
N ASP A 156 8.47 -23.09 33.85
CA ASP A 156 8.36 -23.08 35.29
C ASP A 156 9.52 -22.32 35.94
N LYS A 157 10.61 -22.06 35.21
CA LYS A 157 11.71 -21.28 35.74
C LYS A 157 11.25 -19.84 35.97
N ILE A 158 10.25 -19.36 35.21
CA ILE A 158 9.58 -18.08 35.51
C ILE A 158 8.45 -18.30 36.49
N PHE A 159 7.54 -19.23 36.15
CA PHE A 159 6.28 -19.32 36.88
C PHE A 159 6.45 -19.64 38.36
N SER A 160 7.54 -20.33 38.76
CA SER A 160 7.79 -20.69 40.15
C SER A 160 8.01 -19.45 41.02
N HIS A 161 8.28 -18.30 40.39
CA HIS A 161 8.53 -17.07 41.13
C HIS A 161 7.28 -16.18 41.22
N LEU A 162 6.18 -16.54 40.55
CA LEU A 162 5.10 -15.55 40.44
C LEU A 162 4.50 -15.17 41.81
N GLN A 163 4.46 -16.07 42.79
N GLN A 163 4.54 -16.09 42.76
CA GLN A 163 3.88 -15.67 44.08
CA GLN A 163 3.91 -15.79 44.04
C GLN A 163 4.59 -14.44 44.63
C GLN A 163 4.69 -14.72 44.82
N HIS A 164 5.89 -14.34 44.38
CA HIS A 164 6.68 -13.28 45.02
C HIS A 164 6.45 -11.96 44.32
N VAL A 165 5.76 -11.94 43.16
CA VAL A 165 5.45 -10.68 42.48
C VAL A 165 3.94 -10.53 42.24
N LYS A 166 3.15 -10.97 43.23
CA LYS A 166 1.70 -10.93 43.15
C LYS A 166 1.18 -9.51 42.98
N TYR A 167 1.81 -8.53 43.63
CA TYR A 167 1.23 -7.19 43.67
C TYR A 167 2.09 -6.20 42.88
N LYS A 168 1.44 -5.13 42.41
CA LYS A 168 2.15 -4.08 41.72
C LYS A 168 3.30 -3.53 42.58
N GLY A 169 4.48 -3.34 41.97
CA GLY A 169 5.63 -2.86 42.73
C GLY A 169 6.52 -3.96 43.31
N GLN A 170 6.04 -5.21 43.39
CA GLN A 170 6.88 -6.26 43.92
C GLN A 170 7.87 -6.75 42.87
N GLU A 171 8.99 -7.30 43.35
N GLU A 171 8.95 -7.33 43.38
CA GLU A 171 10.10 -7.74 42.53
CA GLU A 171 10.04 -7.83 42.55
C GLU A 171 10.69 -9.01 43.13
C GLU A 171 10.55 -9.14 43.12
N ALA A 172 11.27 -9.84 42.27
CA ALA A 172 11.91 -11.07 42.68
C ALA A 172 13.11 -11.26 41.75
N PHE A 173 14.14 -11.89 42.25
CA PHE A 173 15.29 -12.26 41.46
C PHE A 173 15.17 -13.70 40.94
N VAL A 174 15.40 -13.83 39.63
CA VAL A 174 15.41 -15.05 38.85
C VAL A 174 16.84 -15.36 38.43
N PRO A 175 17.42 -16.51 38.84
CA PRO A 175 18.73 -16.94 38.35
C PRO A 175 18.71 -17.20 36.85
N GLY A 176 19.83 -16.83 36.18
CA GLY A 176 19.87 -16.96 34.74
C GLY A 176 19.56 -18.38 34.27
N PHE A 177 18.82 -18.56 33.17
CA PHE A 177 18.63 -19.84 32.52
C PHE A 177 18.61 -19.60 31.01
N ASN A 178 18.53 -20.70 30.22
CA ASN A 178 18.61 -20.55 28.76
C ASN A 178 17.24 -20.10 28.24
N ILE A 179 17.11 -18.84 27.88
CA ILE A 179 15.84 -18.27 27.40
C ILE A 179 15.41 -18.98 26.10
N GLU A 180 16.35 -19.51 25.31
CA GLU A 180 15.95 -20.22 24.09
C GLU A 180 15.05 -21.44 24.41
N GLU A 181 15.10 -21.93 25.66
CA GLU A 181 14.19 -23.01 26.05
C GLU A 181 12.72 -22.58 26.03
N LEU A 182 12.45 -21.27 26.03
CA LEU A 182 11.06 -20.84 25.96
C LEU A 182 10.53 -20.79 24.53
N LEU A 183 11.42 -20.95 23.54
CA LEU A 183 10.99 -20.86 22.15
C LEU A 183 10.49 -22.23 21.70
N PRO A 184 9.63 -22.24 20.66
CA PRO A 184 9.05 -23.47 20.16
C PRO A 184 10.01 -24.23 19.25
N GLU A 185 9.49 -25.37 18.80
CA GLU A 185 10.13 -26.13 17.74
C GLU A 185 10.12 -25.36 16.43
N ARG A 186 11.21 -25.57 15.67
CA ARG A 186 11.35 -25.09 14.30
C ARG A 186 11.14 -23.58 14.29
N THR A 187 11.98 -22.90 15.05
CA THR A 187 11.94 -21.44 15.03
C THR A 187 12.23 -20.87 13.65
N ALA A 188 12.77 -21.65 12.71
CA ALA A 188 12.89 -21.14 11.33
C ALA A 188 11.52 -20.81 10.71
N GLU A 189 10.44 -21.39 11.24
CA GLU A 189 9.10 -21.17 10.67
C GLU A 189 8.44 -20.02 11.48
N TYR A 190 8.15 -18.91 10.81
CA TYR A 190 7.56 -17.77 11.51
C TYR A 190 6.77 -16.92 10.53
N TYR A 191 5.91 -16.12 11.15
CA TYR A 191 5.20 -15.02 10.52
C TYR A 191 5.94 -13.70 10.80
N ARG A 192 5.96 -12.79 9.81
CA ARG A 192 6.69 -11.53 9.97
C ARG A 192 5.83 -10.39 9.42
N TYR A 193 5.68 -9.32 10.22
CA TYR A 193 5.01 -8.15 9.69
C TYR A 193 5.46 -6.94 10.50
N ARG A 194 5.22 -5.74 9.96
CA ARG A 194 5.49 -4.47 10.63
C ARG A 194 4.23 -4.03 11.35
N GLY A 195 4.38 -3.82 12.66
CA GLY A 195 3.26 -3.42 13.48
C GLY A 195 3.69 -2.51 14.62
N SER A 196 3.03 -2.69 15.75
CA SER A 196 3.14 -1.74 16.85
C SER A 196 3.35 -2.47 18.19
N LEU A 197 3.68 -1.69 19.22
CA LEU A 197 3.47 -2.17 20.58
C LEU A 197 1.98 -2.43 20.75
N THR A 198 1.66 -3.46 21.58
CA THR A 198 0.26 -3.80 21.84
C THR A 198 -0.25 -3.16 23.12
N THR A 199 0.59 -2.35 23.77
CA THR A 199 0.18 -1.57 24.90
C THR A 199 0.56 -0.12 24.63
N PRO A 200 0.00 0.84 25.37
CA PRO A 200 0.49 2.20 25.28
C PRO A 200 2.01 2.20 25.42
N PRO A 201 2.74 3.06 24.68
CA PRO A 201 2.19 4.09 23.80
C PRO A 201 1.81 3.64 22.39
N CYS A 202 1.84 2.31 22.11
CA CYS A 202 1.34 1.76 20.84
C CYS A 202 2.16 2.23 19.64
N ASN A 203 3.45 2.50 19.83
CA ASN A 203 4.25 3.08 18.75
C ASN A 203 4.33 2.07 17.60
N PRO A 204 4.17 2.55 16.35
CA PRO A 204 4.17 1.67 15.18
C PRO A 204 5.58 1.38 14.67
N THR A 205 6.41 0.88 15.59
CA THR A 205 7.84 0.79 15.34
C THR A 205 8.37 -0.64 15.54
N VAL A 206 7.46 -1.64 15.54
CA VAL A 206 7.85 -3.01 15.89
C VAL A 206 7.88 -3.87 14.65
N LEU A 207 9.00 -4.56 14.47
CA LEU A 207 9.08 -5.69 13.56
C LEU A 207 8.70 -6.95 14.34
N TRP A 208 7.53 -7.50 14.00
CA TRP A 208 7.01 -8.69 14.69
C TRP A 208 7.52 -9.95 14.04
N THR A 209 7.92 -10.91 14.89
CA THR A 209 8.18 -12.28 14.45
C THR A 209 7.34 -13.17 15.34
N VAL A 210 6.31 -13.82 14.75
CA VAL A 210 5.46 -14.70 15.54
C VAL A 210 5.78 -16.13 15.10
N PHE A 211 6.33 -16.95 16.01
CA PHE A 211 6.71 -18.28 15.56
C PHE A 211 5.46 -19.06 15.16
N ARG A 212 5.64 -19.91 14.15
N ARG A 212 5.59 -19.92 14.14
CA ARG A 212 4.54 -20.71 13.62
CA ARG A 212 4.44 -20.68 13.66
C ARG A 212 3.98 -21.66 14.70
C ARG A 212 3.96 -21.74 14.64
N ASN A 213 4.90 -22.36 15.38
CA ASN A 213 4.51 -23.46 16.24
C ASN A 213 4.36 -22.98 17.67
N PRO A 214 3.33 -23.46 18.40
CA PRO A 214 3.15 -23.08 19.80
C PRO A 214 4.04 -23.95 20.68
N VAL A 215 4.19 -23.51 21.92
CA VAL A 215 4.68 -24.33 23.01
C VAL A 215 3.51 -24.78 23.86
N GLN A 216 3.83 -25.71 24.76
N GLN A 216 3.68 -25.85 24.65
CA GLN A 216 2.88 -26.24 25.72
CA GLN A 216 2.65 -26.33 25.54
C GLN A 216 3.28 -25.92 27.15
C GLN A 216 3.10 -26.18 27.00
N ILE A 217 2.22 -25.66 27.89
CA ILE A 217 2.37 -25.63 29.35
C ILE A 217 1.21 -26.42 29.96
N SER A 218 1.35 -26.88 31.20
CA SER A 218 0.28 -27.71 31.74
C SER A 218 -0.93 -26.88 32.17
N GLN A 219 -2.00 -27.64 32.39
N GLN A 219 -2.05 -27.58 32.44
CA GLN A 219 -3.25 -27.11 32.94
CA GLN A 219 -3.23 -26.86 32.91
C GLN A 219 -2.98 -26.31 34.20
C GLN A 219 -2.91 -26.16 34.23
N GLU A 220 -2.14 -26.84 35.10
CA GLU A 220 -1.82 -26.20 36.36
C GLU A 220 -0.95 -24.98 36.15
N GLN A 221 0.01 -25.04 35.21
CA GLN A 221 0.85 -23.87 34.97
C GLN A 221 -0.01 -22.71 34.42
N LEU A 222 -0.93 -23.02 33.49
CA LEU A 222 -1.77 -21.97 32.94
C LEU A 222 -2.64 -21.35 34.01
N LEU A 223 -3.21 -22.20 34.88
CA LEU A 223 -4.04 -21.67 35.96
C LEU A 223 -3.23 -20.82 36.92
N ALA A 224 -1.97 -21.20 37.23
CA ALA A 224 -1.14 -20.39 38.10
C ALA A 224 -0.91 -19.02 37.45
N LEU A 225 -0.57 -19.01 36.16
CA LEU A 225 -0.37 -17.74 35.48
C LEU A 225 -1.60 -16.85 35.54
N GLU A 226 -2.79 -17.47 35.39
CA GLU A 226 -4.02 -16.69 35.36
C GLU A 226 -4.52 -16.26 36.73
N THR A 227 -4.00 -16.84 37.82
CA THR A 227 -4.56 -16.57 39.15
C THR A 227 -3.52 -16.03 40.13
N ALA A 228 -2.25 -15.97 39.75
CA ALA A 228 -1.21 -15.60 40.71
C ALA A 228 -1.10 -14.10 40.96
N LEU A 229 -1.55 -13.26 39.99
CA LEU A 229 -1.11 -11.86 39.94
C LEU A 229 -2.27 -10.88 40.04
N TYR A 230 -2.09 -9.79 40.78
N TYR A 230 -1.93 -9.71 40.58
CA TYR A 230 -3.05 -8.69 40.78
CA TYR A 230 -2.79 -8.53 40.68
C TYR A 230 -2.49 -7.52 40.01
C TYR A 230 -2.13 -7.32 40.01
N CYS A 231 -3.38 -6.59 39.61
N CYS A 231 -2.99 -6.42 39.51
CA CYS A 231 -2.88 -5.41 38.93
CA CYS A 231 -2.57 -5.16 38.91
C CYS A 231 -2.81 -4.18 39.85
C CYS A 231 -2.32 -4.13 40.00
N THR A 232 -2.91 -4.39 41.18
CA THR A 232 -2.95 -3.38 42.23
C THR A 232 -1.87 -3.59 43.31
N HIS A 233 -1.53 -2.50 44.02
CA HIS A 233 -0.60 -2.61 45.13
C HIS A 233 -1.23 -3.43 46.25
N MET A 234 -0.36 -3.98 47.09
N MET A 234 -0.36 -4.03 47.07
CA MET A 234 -0.76 -4.88 48.17
CA MET A 234 -0.80 -4.87 48.18
C MET A 234 -1.73 -4.21 49.14
C MET A 234 -1.88 -4.16 49.01
N ASP A 235 -1.64 -2.88 49.30
CA ASP A 235 -2.45 -2.19 50.27
C ASP A 235 -3.70 -1.57 49.65
N ASP A 236 -3.98 -1.86 48.37
CA ASP A 236 -5.12 -1.31 47.67
C ASP A 236 -6.39 -1.91 48.27
N PRO A 237 -7.35 -1.12 48.79
CA PRO A 237 -8.58 -1.70 49.32
C PRO A 237 -9.52 -2.28 48.27
N SER A 238 -9.23 -2.04 46.97
CA SER A 238 -10.06 -2.54 45.89
C SER A 238 -9.18 -3.33 44.92
N PRO A 239 -8.75 -4.54 45.28
CA PRO A 239 -7.81 -5.28 44.43
C PRO A 239 -8.43 -5.61 43.06
N ARG A 240 -7.53 -5.76 42.09
CA ARG A 240 -7.82 -6.06 40.70
C ARG A 240 -6.98 -7.28 40.27
N GLU A 241 -7.61 -8.41 39.88
CA GLU A 241 -6.83 -9.52 39.33
C GLU A 241 -6.18 -9.11 38.01
N MET A 242 -4.94 -9.57 37.77
CA MET A 242 -4.30 -9.38 36.48
C MET A 242 -4.72 -10.55 35.58
N ILE A 243 -5.81 -10.27 34.80
CA ILE A 243 -6.42 -11.23 33.88
C ILE A 243 -6.78 -10.51 32.59
N ASN A 244 -6.95 -11.29 31.53
CA ASN A 244 -7.42 -10.71 30.27
C ASN A 244 -6.54 -9.54 29.82
N ASN A 245 -5.21 -9.71 30.01
CA ASN A 245 -4.26 -8.64 29.75
C ASN A 245 -3.74 -8.76 28.31
N PHE A 246 -4.65 -8.74 27.35
CA PHE A 246 -4.34 -8.83 25.93
C PHE A 246 -5.14 -7.76 25.24
N ARG A 247 -4.63 -7.25 24.12
CA ARG A 247 -5.39 -6.30 23.30
C ARG A 247 -6.21 -7.06 22.26
N GLN A 248 -7.41 -6.60 21.94
CA GLN A 248 -8.19 -7.16 20.83
C GLN A 248 -7.40 -7.00 19.53
N VAL A 249 -7.66 -7.90 18.57
N VAL A 249 -7.69 -7.89 18.58
CA VAL A 249 -7.03 -7.75 17.27
CA VAL A 249 -7.08 -7.82 17.26
C VAL A 249 -7.51 -6.48 16.58
C VAL A 249 -7.56 -6.57 16.49
N GLN A 250 -6.62 -5.98 15.74
CA GLN A 250 -6.82 -4.75 15.00
C GLN A 250 -7.14 -5.04 13.53
N LYS A 251 -7.88 -4.14 12.87
CA LYS A 251 -8.02 -4.24 11.43
C LYS A 251 -6.66 -4.21 10.77
N PHE A 252 -6.51 -4.99 9.70
CA PHE A 252 -5.25 -5.11 8.98
C PHE A 252 -5.68 -5.25 7.51
N ASP A 253 -5.88 -4.15 6.75
CA ASP A 253 -6.47 -4.13 5.39
C ASP A 253 -5.41 -3.78 4.35
N GLU A 254 -5.43 -4.50 3.21
N GLU A 254 -5.66 -4.30 3.13
CA GLU A 254 -4.53 -4.23 2.09
CA GLU A 254 -4.71 -4.36 2.03
C GLU A 254 -3.07 -4.48 2.48
C GLU A 254 -3.29 -4.46 2.59
N ARG A 255 -2.86 -5.45 3.39
N ARG A 255 -3.00 -5.61 3.18
CA ARG A 255 -1.52 -5.77 3.84
CA ARG A 255 -1.67 -5.87 3.70
C ARG A 255 -1.35 -7.29 3.93
C ARG A 255 -1.37 -7.37 3.61
N LEU A 256 -0.08 -7.68 3.83
CA LEU A 256 0.34 -9.08 3.95
C LEU A 256 1.14 -9.28 5.23
N VAL A 257 1.06 -10.53 5.65
CA VAL A 257 1.98 -11.05 6.62
C VAL A 257 2.84 -12.02 5.87
N TYR A 258 4.12 -11.84 6.01
CA TYR A 258 5.05 -12.65 5.28
C TYR A 258 5.38 -13.88 6.10
N THR A 259 5.58 -15.02 5.44
CA THR A 259 5.89 -16.25 6.13
C THR A 259 7.22 -16.77 5.64
N SER A 260 7.94 -17.43 6.54
CA SER A 260 9.21 -18.05 6.19
C SER A 260 8.99 -19.48 5.70
N PHE A 261 7.73 -19.94 5.70
CA PHE A 261 7.35 -21.28 5.30
C PHE A 261 6.27 -21.16 4.23
N SER A 262 6.15 -22.21 3.43
CA SER A 262 5.10 -22.26 2.42
C SER A 262 4.17 -23.42 2.74
N LYS B 3 -17.47 13.46 12.72
CA LYS B 3 -16.97 12.90 11.45
C LYS B 3 -16.33 11.53 11.73
N TRP B 4 -16.87 10.75 12.72
CA TRP B 4 -16.37 9.42 13.01
C TRP B 4 -16.40 8.57 11.74
N THR B 5 -15.45 7.66 11.69
CA THR B 5 -15.35 6.80 10.54
C THR B 5 -15.01 5.38 11.00
N TYR B 6 -14.79 4.47 10.04
CA TYR B 6 -14.26 3.14 10.32
C TYR B 6 -12.78 2.99 9.93
N PHE B 7 -12.14 4.07 9.54
CA PHE B 7 -10.77 3.96 9.05
C PHE B 7 -10.06 5.28 9.26
N GLY B 8 -8.86 5.25 9.85
CA GLY B 8 -8.01 6.42 9.90
C GLY B 8 -8.14 7.13 11.24
N PRO B 9 -7.79 8.42 11.40
N PRO B 9 -7.69 8.39 11.24
CA PRO B 9 -7.67 9.01 12.74
CA PRO B 9 -7.65 9.24 12.43
C PRO B 9 -9.01 9.25 13.42
C PRO B 9 -8.89 9.11 13.30
N ASP B 10 -10.07 9.06 12.66
CA ASP B 10 -11.39 9.11 13.28
C ASP B 10 -12.04 7.74 13.42
N GLY B 11 -11.25 6.69 13.23
CA GLY B 11 -11.74 5.33 13.30
C GLY B 11 -11.93 4.85 14.74
N GLU B 12 -12.25 3.54 14.85
CA GLU B 12 -12.91 3.03 16.03
C GLU B 12 -12.08 3.16 17.31
N ASN B 13 -10.74 3.13 17.22
CA ASN B 13 -9.95 3.27 18.45
C ASN B 13 -9.97 4.70 18.98
N SER B 14 -10.52 5.64 18.20
CA SER B 14 -10.63 7.04 18.59
C SER B 14 -12.07 7.45 18.93
N TRP B 15 -13.08 6.61 18.71
CA TRP B 15 -14.46 7.00 18.97
C TRP B 15 -14.63 7.50 20.40
N SER B 16 -14.00 6.86 21.37
N SER B 16 -13.96 6.86 21.36
CA SER B 16 -14.21 7.22 22.75
CA SER B 16 -14.10 7.17 22.77
C SER B 16 -13.80 8.66 23.05
C SER B 16 -13.65 8.59 23.14
N LYS B 17 -12.88 9.24 22.25
CA LYS B 17 -12.46 10.60 22.49
C LYS B 17 -13.62 11.58 22.44
N LYS B 18 -14.62 11.30 21.61
CA LYS B 18 -15.79 12.17 21.43
C LYS B 18 -17.06 11.55 22.03
N TYR B 19 -17.10 10.23 22.19
CA TYR B 19 -18.30 9.48 22.52
C TYR B 19 -17.97 8.57 23.69
N PRO B 20 -18.05 9.08 24.94
CA PRO B 20 -17.49 8.33 26.05
C PRO B 20 -18.01 6.91 26.20
N SER B 21 -19.26 6.67 25.83
CA SER B 21 -19.79 5.32 26.02
C SER B 21 -19.05 4.29 25.18
N CYS B 22 -18.40 4.72 24.08
CA CYS B 22 -17.64 3.79 23.26
C CYS B 22 -16.47 3.19 24.01
N GLY B 23 -16.04 3.83 25.12
CA GLY B 23 -15.00 3.29 25.98
C GLY B 23 -15.56 2.77 27.29
N GLY B 24 -16.88 2.60 27.35
CA GLY B 24 -17.50 2.14 28.60
C GLY B 24 -17.79 0.64 28.54
N LEU B 25 -18.68 0.24 29.43
CA LEU B 25 -19.03 -1.17 29.58
C LEU B 25 -20.06 -1.60 28.53
N LEU B 26 -20.24 -2.92 28.45
CA LEU B 26 -21.30 -3.61 27.73
C LEU B 26 -21.23 -3.30 26.25
N GLN B 27 -20.02 -3.22 25.67
CA GLN B 27 -19.93 -2.88 24.26
C GLN B 27 -20.12 -4.10 23.34
N SER B 28 -20.66 -3.78 22.15
CA SER B 28 -20.86 -4.74 21.07
C SER B 28 -20.04 -4.31 19.86
N PRO B 29 -19.78 -5.21 18.89
CA PRO B 29 -20.17 -6.62 18.87
C PRO B 29 -19.19 -7.47 19.65
N ILE B 30 -19.43 -8.79 19.65
CA ILE B 30 -18.60 -9.73 20.39
C ILE B 30 -18.45 -10.99 19.52
N ASP B 31 -17.46 -11.79 19.93
CA ASP B 31 -17.22 -13.10 19.36
C ASP B 31 -18.05 -14.12 20.15
N LEU B 32 -18.83 -14.90 19.43
CA LEU B 32 -19.68 -15.93 20.04
C LEU B 32 -18.89 -17.22 20.05
N HIS B 33 -18.46 -17.67 21.23
CA HIS B 33 -17.66 -18.90 21.33
C HIS B 33 -18.06 -19.64 22.59
N SER B 34 -17.72 -20.94 22.62
CA SER B 34 -18.30 -21.85 23.60
C SER B 34 -18.15 -21.39 25.03
N ASP B 35 -16.97 -20.88 25.42
CA ASP B 35 -16.68 -20.60 26.81
C ASP B 35 -17.63 -19.59 27.42
N ILE B 36 -18.27 -18.77 26.59
CA ILE B 36 -19.11 -17.72 27.14
C ILE B 36 -20.59 -17.94 26.81
N LEU B 37 -20.95 -19.13 26.29
CA LEU B 37 -22.35 -19.43 25.95
C LEU B 37 -22.99 -20.21 27.10
N GLN B 38 -24.30 -19.99 27.32
CA GLN B 38 -25.02 -20.83 28.26
C GLN B 38 -26.48 -20.93 27.83
N TYR B 39 -26.94 -22.15 27.75
CA TYR B 39 -28.33 -22.37 27.40
C TYR B 39 -29.25 -21.74 28.43
N ASP B 40 -30.33 -21.13 27.95
CA ASP B 40 -31.37 -20.59 28.83
C ASP B 40 -32.72 -21.00 28.29
N ALA B 41 -33.39 -21.96 28.94
CA ALA B 41 -34.67 -22.49 28.49
C ALA B 41 -35.79 -21.44 28.49
N SER B 42 -35.59 -20.31 29.21
N SER B 42 -35.58 -20.30 29.18
CA SER B 42 -36.57 -19.22 29.21
CA SER B 42 -36.62 -19.28 29.17
C SER B 42 -36.64 -18.44 27.90
C SER B 42 -36.57 -18.36 27.94
N LEU B 43 -35.64 -18.61 27.03
CA LEU B 43 -35.57 -17.86 25.77
C LEU B 43 -36.49 -18.48 24.75
N THR B 44 -37.77 -18.11 24.85
CA THR B 44 -38.82 -18.66 24.02
C THR B 44 -38.84 -17.92 22.68
N PRO B 45 -39.60 -18.40 21.68
CA PRO B 45 -39.55 -17.76 20.38
C PRO B 45 -40.09 -16.35 20.37
N LEU B 46 -39.46 -15.48 19.60
CA LEU B 46 -40.04 -14.17 19.33
C LEU B 46 -41.21 -14.34 18.36
N GLU B 47 -42.15 -13.41 18.45
CA GLU B 47 -43.13 -13.34 17.39
C GLU B 47 -42.93 -12.03 16.61
N PHE B 48 -42.93 -12.15 15.27
CA PHE B 48 -42.72 -11.04 14.34
C PHE B 48 -44.07 -10.54 13.79
N GLN B 49 -44.51 -9.34 14.19
CA GLN B 49 -45.85 -8.89 13.85
C GLN B 49 -45.76 -7.68 12.93
N GLY B 50 -46.53 -7.71 11.85
CA GLY B 50 -46.54 -6.58 10.93
C GLY B 50 -45.27 -6.46 10.09
N TYR B 51 -44.50 -7.57 9.99
CA TYR B 51 -43.33 -7.58 9.14
C TYR B 51 -43.68 -7.68 7.66
N ASN B 52 -44.93 -8.09 7.34
CA ASN B 52 -45.31 -8.25 5.93
C ASN B 52 -45.79 -6.89 5.42
N LEU B 53 -44.85 -6.08 4.95
CA LEU B 53 -45.18 -4.70 4.57
C LEU B 53 -45.85 -4.74 3.19
N SER B 54 -46.89 -3.91 3.02
CA SER B 54 -47.63 -3.91 1.76
C SER B 54 -46.71 -3.52 0.59
N ALA B 55 -46.79 -4.29 -0.51
CA ALA B 55 -46.06 -3.96 -1.72
C ALA B 55 -46.57 -2.67 -2.37
N ASN B 56 -47.78 -2.22 -1.98
CA ASN B 56 -48.33 -1.02 -2.59
C ASN B 56 -47.89 0.22 -1.79
N LYS B 57 -47.27 0.02 -0.62
CA LYS B 57 -46.69 1.13 0.13
C LYS B 57 -45.19 1.21 -0.17
N GLN B 58 -44.57 2.31 0.24
CA GLN B 58 -43.14 2.47 0.01
C GLN B 58 -42.46 3.03 1.26
N PHE B 59 -41.19 2.67 1.40
CA PHE B 59 -40.44 2.89 2.63
C PHE B 59 -39.12 3.58 2.26
N LEU B 60 -38.73 4.55 3.05
CA LEU B 60 -37.61 5.41 2.66
C LEU B 60 -36.26 4.74 3.00
N LEU B 61 -35.41 4.68 2.00
CA LEU B 61 -34.02 4.23 2.09
C LEU B 61 -33.13 5.48 2.06
N THR B 62 -32.26 5.64 3.07
CA THR B 62 -31.47 6.87 3.17
C THR B 62 -30.01 6.54 3.43
N ASN B 63 -29.11 7.25 2.73
CA ASN B 63 -27.68 7.21 3.04
C ASN B 63 -27.38 8.42 3.94
N ASN B 64 -27.03 8.17 5.22
CA ASN B 64 -26.74 9.27 6.14
C ASN B 64 -25.23 9.51 6.26
N GLY B 65 -24.43 8.90 5.39
CA GLY B 65 -22.99 9.10 5.42
C GLY B 65 -22.26 8.04 6.23
N HIS B 66 -22.94 7.48 7.22
CA HIS B 66 -22.36 6.42 8.03
C HIS B 66 -22.93 5.06 7.69
N SER B 67 -24.19 5.08 7.19
CA SER B 67 -24.96 3.87 6.99
C SER B 67 -26.00 4.18 5.92
N VAL B 68 -26.49 3.13 5.25
N VAL B 68 -26.48 3.11 5.27
CA VAL B 68 -27.72 3.28 4.48
CA VAL B 68 -27.68 3.15 4.47
C VAL B 68 -28.78 2.43 5.17
C VAL B 68 -28.75 2.41 5.26
N LYS B 69 -29.84 3.10 5.59
CA LYS B 69 -30.89 2.54 6.42
CA LYS B 69 -30.87 2.43 6.36
C LYS B 69 -32.21 2.54 5.66
N LEU B 70 -33.00 1.50 5.87
CA LEU B 70 -34.39 1.47 5.41
C LEU B 70 -35.26 1.79 6.61
N ASN B 71 -36.09 2.85 6.50
CA ASN B 71 -36.99 3.21 7.59
C ASN B 71 -38.14 2.20 7.60
N LEU B 72 -38.54 1.84 8.82
CA LEU B 72 -39.60 0.86 8.99
C LEU B 72 -40.74 1.45 9.81
N PRO B 73 -41.98 0.97 9.60
CA PRO B 73 -43.13 1.57 10.27
C PRO B 73 -43.30 1.05 11.70
N SER B 74 -43.85 1.88 12.57
CA SER B 74 -43.90 1.48 13.98
C SER B 74 -44.96 0.39 14.23
N ASP B 75 -45.82 0.09 13.22
CA ASP B 75 -46.75 -1.05 13.35
C ASP B 75 -46.06 -2.40 13.17
N MET B 76 -44.78 -2.37 12.88
CA MET B 76 -43.98 -3.59 12.80
C MET B 76 -43.38 -3.81 14.19
N HIS B 77 -43.65 -4.99 14.78
CA HIS B 77 -43.30 -5.24 16.18
C HIS B 77 -42.63 -6.60 16.38
N ILE B 78 -41.85 -6.71 17.48
CA ILE B 78 -41.51 -8.02 18.01
C ILE B 78 -42.11 -8.15 19.39
N GLN B 79 -42.65 -9.37 19.59
CA GLN B 79 -43.42 -9.83 20.73
C GLN B 79 -42.60 -10.95 21.33
N GLY B 80 -42.42 -10.92 22.62
CA GLY B 80 -41.91 -12.12 23.26
C GLY B 80 -41.05 -11.59 24.36
N LEU B 81 -40.59 -10.37 24.03
CA LEU B 81 -39.75 -9.58 24.93
C LEU B 81 -40.67 -9.10 26.04
N GLN B 82 -40.10 -8.67 27.16
CA GLN B 82 -41.08 -8.37 28.17
C GLN B 82 -42.01 -7.35 27.50
N SER B 83 -41.44 -6.22 27.09
CA SER B 83 -42.25 -5.19 26.44
C SER B 83 -42.37 -5.52 24.96
N ARG B 84 -43.31 -4.84 24.29
CA ARG B 84 -43.36 -4.88 22.86
C ARG B 84 -42.35 -3.85 22.33
N TYR B 85 -41.61 -4.27 21.31
CA TYR B 85 -40.66 -3.39 20.62
C TYR B 85 -41.11 -3.14 19.20
N SER B 86 -41.05 -1.88 18.76
CA SER B 86 -41.46 -1.53 17.42
C SER B 86 -40.20 -1.29 16.59
N ALA B 87 -40.26 -1.70 15.33
CA ALA B 87 -39.17 -1.47 14.41
C ALA B 87 -39.01 0.01 14.11
N THR B 88 -37.77 0.42 13.87
CA THR B 88 -37.52 1.77 13.38
C THR B 88 -36.75 1.76 12.07
N GLN B 89 -35.74 0.87 11.91
CA GLN B 89 -34.96 0.86 10.66
C GLN B 89 -34.19 -0.44 10.57
N LEU B 90 -33.75 -0.76 9.37
CA LEU B 90 -32.74 -1.82 9.23
C LEU B 90 -31.59 -1.29 8.39
N HIS B 91 -30.42 -1.95 8.53
CA HIS B 91 -29.22 -1.59 7.79
C HIS B 91 -28.29 -2.79 7.80
N LEU B 92 -27.17 -2.67 7.08
CA LEU B 92 -26.19 -3.76 6.97
C LEU B 92 -24.78 -3.27 7.30
N HIS B 93 -23.90 -4.25 7.49
CA HIS B 93 -22.46 -4.03 7.67
C HIS B 93 -21.75 -5.00 6.76
N TRP B 94 -20.66 -4.56 6.12
CA TRP B 94 -19.96 -5.39 5.15
C TRP B 94 -18.47 -5.01 5.08
N GLY B 95 -17.75 -5.79 4.25
CA GLY B 95 -16.31 -5.63 4.10
C GLY B 95 -16.00 -4.85 2.83
N ASN B 96 -15.22 -5.47 1.93
CA ASN B 96 -14.83 -4.73 0.70
C ASN B 96 -14.64 -5.78 -0.40
N PRO B 97 -14.52 -5.36 -1.69
CA PRO B 97 -14.44 -6.32 -2.77
C PRO B 97 -13.31 -7.33 -2.66
N ASN B 98 -12.19 -6.92 -2.06
CA ASN B 98 -11.04 -7.77 -1.95
C ASN B 98 -11.03 -8.54 -0.64
N ASP B 99 -12.02 -8.32 0.23
CA ASP B 99 -12.08 -8.96 1.54
C ASP B 99 -13.55 -9.00 1.95
N PRO B 100 -14.39 -9.92 1.41
CA PRO B 100 -15.84 -9.89 1.72
C PRO B 100 -16.12 -10.59 3.05
N HIS B 101 -15.59 -9.99 4.11
N HIS B 101 -15.62 -10.04 4.17
CA HIS B 101 -15.72 -10.44 5.48
CA HIS B 101 -15.70 -10.67 5.49
C HIS B 101 -15.97 -9.22 6.34
C HIS B 101 -15.98 -9.63 6.58
N GLY B 102 -17.24 -8.88 6.50
N GLY B 102 -17.12 -8.92 6.45
CA GLY B 102 -17.58 -7.64 7.17
CA GLY B 102 -17.36 -7.75 7.27
C GLY B 102 -18.74 -7.82 8.14
C GLY B 102 -18.57 -7.85 8.22
N SER B 103 -18.98 -9.05 8.68
CA SER B 103 -19.94 -9.10 9.76
C SER B 103 -19.34 -8.41 10.99
N GLU B 104 -20.21 -8.01 11.91
CA GLU B 104 -19.80 -7.43 13.18
C GLU B 104 -19.59 -8.52 14.23
N HIS B 105 -20.64 -9.28 14.51
CA HIS B 105 -20.41 -10.47 15.35
C HIS B 105 -19.64 -11.53 14.58
N THR B 106 -18.83 -12.24 15.33
CA THR B 106 -18.07 -13.38 14.80
C THR B 106 -18.49 -14.63 15.56
N VAL B 107 -18.30 -15.80 14.94
CA VAL B 107 -18.74 -17.03 15.62
C VAL B 107 -17.50 -17.91 15.65
N SER B 108 -17.07 -18.26 16.88
CA SER B 108 -15.86 -19.07 17.02
C SER B 108 -14.70 -18.46 16.20
N GLY B 109 -14.60 -17.13 16.24
CA GLY B 109 -13.53 -16.33 15.69
C GLY B 109 -13.65 -16.07 14.18
N GLN B 110 -14.68 -16.55 13.50
N GLN B 110 -14.77 -16.49 13.55
CA GLN B 110 -14.71 -16.21 12.08
CA GLN B 110 -15.02 -16.43 12.10
C GLN B 110 -15.75 -15.13 11.84
C GLN B 110 -15.89 -15.23 11.73
N HIS B 111 -15.42 -14.33 10.83
CA HIS B 111 -16.33 -13.34 10.26
C HIS B 111 -17.15 -13.94 9.16
N PHE B 112 -18.42 -13.59 9.17
CA PHE B 112 -19.30 -13.79 8.03
C PHE B 112 -19.08 -12.72 7.00
N ALA B 113 -19.68 -12.87 5.82
CA ALA B 113 -19.55 -11.89 4.74
C ALA B 113 -20.11 -10.55 5.14
N ALA B 114 -21.28 -10.55 5.81
CA ALA B 114 -21.98 -9.28 6.11
C ALA B 114 -22.94 -9.59 7.24
N GLU B 115 -23.66 -8.56 7.68
CA GLU B 115 -24.62 -8.74 8.77
C GLU B 115 -25.74 -7.73 8.57
N LEU B 116 -26.99 -8.17 8.81
CA LEU B 116 -28.17 -7.32 8.79
C LEU B 116 -28.61 -7.06 10.20
N HIS B 117 -28.91 -5.79 10.50
CA HIS B 117 -29.46 -5.38 11.79
C HIS B 117 -30.86 -4.77 11.60
N ILE B 118 -31.83 -5.26 12.38
CA ILE B 118 -33.17 -4.68 12.40
C ILE B 118 -33.34 -4.04 13.77
N VAL B 119 -33.34 -2.70 13.78
CA VAL B 119 -33.33 -1.95 15.03
C VAL B 119 -34.79 -1.68 15.50
N HIS B 120 -35.07 -2.03 16.75
CA HIS B 120 -36.37 -1.80 17.37
C HIS B 120 -36.18 -0.99 18.66
N TYR B 121 -37.27 -0.37 19.10
CA TYR B 121 -37.21 0.39 20.34
C TYR B 121 -38.45 0.04 21.15
N ASN B 122 -38.34 0.25 22.45
CA ASN B 122 -39.45 -0.12 23.31
C ASN B 122 -40.56 0.93 23.23
N SER B 123 -41.56 0.63 22.40
CA SER B 123 -42.66 1.53 22.10
C SER B 123 -43.75 1.45 23.18
N ASP B 124 -43.68 0.49 24.12
CA ASP B 124 -44.55 0.52 25.28
C ASP B 124 -44.16 1.70 26.17
N LEU B 125 -42.86 2.00 26.23
CA LEU B 125 -42.29 2.95 27.19
C LEU B 125 -41.93 4.30 26.56
N TYR B 126 -41.52 4.30 25.28
CA TYR B 126 -40.93 5.50 24.72
C TYR B 126 -41.60 5.84 23.39
N PRO B 127 -41.62 7.14 23.05
CA PRO B 127 -42.31 7.62 21.84
C PRO B 127 -41.50 7.46 20.56
N ASP B 128 -40.20 7.19 20.69
CA ASP B 128 -39.35 7.13 19.51
C ASP B 128 -38.03 6.49 19.90
N ALA B 129 -37.28 5.99 18.90
CA ALA B 129 -36.06 5.26 19.18
C ALA B 129 -34.96 6.16 19.78
N SER B 130 -34.93 7.47 19.40
CA SER B 130 -33.89 8.35 19.94
C SER B 130 -34.04 8.49 21.47
N THR B 131 -35.29 8.64 21.93
CA THR B 131 -35.57 8.71 23.35
C THR B 131 -35.21 7.40 24.06
N ALA B 132 -35.60 6.25 23.42
CA ALA B 132 -35.35 4.93 23.97
C ALA B 132 -33.85 4.66 24.13
N SER B 133 -33.03 5.29 23.27
CA SER B 133 -31.65 4.83 23.10
C SER B 133 -30.80 5.12 24.35
N ASN B 134 -31.24 6.00 25.25
N ASN B 134 -31.31 5.99 25.22
CA ASN B 134 -30.44 6.22 26.44
CA ASN B 134 -30.67 6.42 26.45
C ASN B 134 -31.21 5.69 27.65
C ASN B 134 -31.04 5.54 27.62
N LYS B 135 -32.02 4.65 27.44
CA LYS B 135 -32.75 4.03 28.55
C LYS B 135 -32.42 2.54 28.64
N SER B 136 -32.43 1.98 29.87
CA SER B 136 -32.02 0.58 29.99
C SER B 136 -32.96 -0.32 29.18
N GLU B 137 -32.36 -1.26 28.40
CA GLU B 137 -33.09 -2.11 27.46
C GLU B 137 -34.11 -1.33 26.61
N GLY B 138 -33.82 -0.03 26.36
CA GLY B 138 -34.59 0.81 25.45
C GLY B 138 -34.63 0.30 24.01
N LEU B 139 -33.57 -0.41 23.57
CA LEU B 139 -33.47 -0.86 22.19
C LEU B 139 -33.34 -2.39 22.13
N ALA B 140 -33.82 -2.98 21.02
CA ALA B 140 -33.62 -4.40 20.75
C ALA B 140 -33.25 -4.49 19.29
N VAL B 141 -32.09 -5.12 19.03
CA VAL B 141 -31.62 -5.26 17.67
C VAL B 141 -31.57 -6.74 17.31
N LEU B 142 -32.19 -7.07 16.17
CA LEU B 142 -32.06 -8.42 15.63
C LEU B 142 -30.92 -8.44 14.64
N ALA B 143 -30.07 -9.46 14.72
CA ALA B 143 -28.93 -9.57 13.81
C ALA B 143 -29.00 -10.88 13.04
N VAL B 144 -28.83 -10.75 11.71
CA VAL B 144 -28.75 -11.90 10.82
C VAL B 144 -27.35 -11.91 10.23
N LEU B 145 -26.66 -13.04 10.42
CA LEU B 145 -25.36 -13.25 9.81
C LEU B 145 -25.56 -13.62 8.34
N ILE B 146 -24.71 -13.09 7.46
CA ILE B 146 -24.87 -13.30 6.02
C ILE B 146 -23.61 -13.93 5.47
N GLU B 147 -23.81 -15.05 4.78
N GLU B 147 -23.74 -15.08 4.81
CA GLU B 147 -22.75 -15.84 4.14
CA GLU B 147 -22.58 -15.70 4.19
C GLU B 147 -22.78 -15.60 2.63
C GLU B 147 -22.75 -15.63 2.68
N MET B 148 -21.60 -15.68 1.98
CA MET B 148 -21.59 -15.72 0.53
C MET B 148 -22.15 -17.08 0.09
N GLY B 149 -23.15 -17.05 -0.78
CA GLY B 149 -23.81 -18.28 -1.20
C GLY B 149 -24.71 -17.98 -2.38
N SER B 150 -25.95 -18.50 -2.30
CA SER B 150 -26.91 -18.31 -3.39
C SER B 150 -27.40 -16.85 -3.44
N PHE B 151 -27.77 -16.45 -4.67
CA PHE B 151 -28.52 -15.21 -4.88
C PHE B 151 -29.77 -15.22 -4.03
N ASN B 152 -30.05 -14.07 -3.37
CA ASN B 152 -31.17 -13.96 -2.47
C ASN B 152 -32.14 -12.90 -3.00
N PRO B 153 -33.27 -13.31 -3.59
CA PRO B 153 -34.18 -12.33 -4.18
C PRO B 153 -34.75 -11.35 -3.15
N SER B 154 -34.94 -11.81 -1.90
CA SER B 154 -35.52 -10.95 -0.88
C SER B 154 -34.56 -9.80 -0.51
N TYR B 155 -33.28 -10.14 -0.25
CA TYR B 155 -32.31 -9.06 0.00
C TYR B 155 -32.17 -8.16 -1.23
N ASP B 156 -32.35 -8.72 -2.44
CA ASP B 156 -32.23 -7.89 -3.62
C ASP B 156 -33.30 -6.82 -3.67
N LYS B 157 -34.43 -7.01 -2.97
CA LYS B 157 -35.45 -5.96 -2.92
C LYS B 157 -34.90 -4.68 -2.29
N ILE B 158 -33.87 -4.80 -1.42
CA ILE B 158 -33.13 -3.64 -0.91
C ILE B 158 -31.98 -3.31 -1.86
N PHE B 159 -31.14 -4.32 -2.17
CA PHE B 159 -29.88 -4.04 -2.84
C PHE B 159 -30.06 -3.41 -4.22
N SER B 160 -31.18 -3.71 -4.89
CA SER B 160 -31.44 -3.18 -6.25
C SER B 160 -31.68 -1.66 -6.20
N HIS B 161 -31.79 -1.04 -5.03
CA HIS B 161 -31.96 0.42 -4.96
C HIS B 161 -30.69 1.12 -4.50
N LEU B 162 -29.63 0.39 -4.15
CA LEU B 162 -28.45 1.06 -3.58
C LEU B 162 -27.73 2.02 -4.54
N GLN B 163 -27.75 1.72 -5.86
N GLN B 163 -27.81 1.84 -5.86
CA GLN B 163 -27.19 2.61 -6.89
CA GLN B 163 -27.07 2.76 -6.70
C GLN B 163 -27.80 4.01 -6.74
C GLN B 163 -27.92 4.01 -6.94
N HIS B 164 -29.01 4.11 -6.17
CA HIS B 164 -29.80 5.31 -6.16
C HIS B 164 -29.70 6.06 -4.84
N VAL B 165 -28.88 5.56 -3.90
CA VAL B 165 -28.57 6.28 -2.67
C VAL B 165 -27.05 6.20 -2.47
N LYS B 166 -26.29 6.34 -3.56
N LYS B 166 -26.38 6.41 -3.60
CA LYS B 166 -24.83 6.16 -3.47
CA LYS B 166 -24.94 6.26 -3.68
C LYS B 166 -24.20 7.18 -2.50
C LYS B 166 -24.22 7.18 -2.67
N TYR B 167 -24.75 8.40 -2.45
CA TYR B 167 -24.04 9.44 -1.70
C TYR B 167 -24.80 9.87 -0.45
N LYS B 168 -24.04 10.39 0.51
CA LYS B 168 -24.59 10.94 1.72
C LYS B 168 -25.68 11.95 1.39
N GLY B 169 -26.81 11.83 2.11
CA GLY B 169 -27.97 12.69 1.98
C GLY B 169 -28.99 12.22 0.95
N GLN B 170 -28.67 11.21 0.14
CA GLN B 170 -29.62 10.75 -0.87
C GLN B 170 -30.64 9.80 -0.25
N GLU B 171 -31.84 9.83 -0.83
CA GLU B 171 -32.95 9.02 -0.36
C GLU B 171 -33.65 8.39 -1.57
N ALA B 172 -34.26 7.23 -1.37
CA ALA B 172 -35.00 6.51 -2.40
C ALA B 172 -36.15 5.77 -1.72
N PHE B 173 -37.16 5.41 -2.46
CA PHE B 173 -38.25 4.61 -1.93
C PHE B 173 -38.12 3.17 -2.38
N VAL B 174 -38.43 2.29 -1.43
CA VAL B 174 -38.42 0.85 -1.65
C VAL B 174 -39.84 0.34 -1.44
N PRO B 175 -40.44 -0.34 -2.41
CA PRO B 175 -41.78 -0.90 -2.16
C PRO B 175 -41.76 -1.86 -0.98
N GLY B 176 -42.86 -1.95 -0.25
CA GLY B 176 -42.92 -2.90 0.84
C GLY B 176 -42.73 -4.35 0.38
N PHE B 177 -42.17 -5.14 1.30
CA PHE B 177 -42.08 -6.58 1.11
C PHE B 177 -42.10 -7.20 2.49
N ASN B 178 -42.16 -8.54 2.49
CA ASN B 178 -42.20 -9.21 3.78
C ASN B 178 -40.80 -9.29 4.39
N ILE B 179 -40.57 -8.49 5.41
CA ILE B 179 -39.25 -8.39 6.05
C ILE B 179 -38.85 -9.74 6.65
N GLU B 180 -39.82 -10.61 6.97
N GLU B 180 -39.83 -10.57 7.03
CA GLU B 180 -39.46 -11.91 7.53
CA GLU B 180 -39.51 -11.91 7.52
C GLU B 180 -38.72 -12.77 6.50
C GLU B 180 -38.64 -12.69 6.53
N GLU B 181 -38.76 -12.40 5.23
CA GLU B 181 -37.98 -13.07 4.20
C GLU B 181 -36.48 -12.85 4.40
N LEU B 182 -36.09 -11.82 5.16
CA LEU B 182 -34.68 -11.55 5.39
C LEU B 182 -34.15 -12.41 6.54
N LEU B 183 -35.02 -13.07 7.32
CA LEU B 183 -34.59 -13.83 8.49
C LEU B 183 -34.23 -15.23 8.05
N PRO B 184 -33.36 -15.89 8.82
CA PRO B 184 -32.88 -17.23 8.49
C PRO B 184 -33.85 -18.29 8.95
N GLU B 185 -33.48 -19.55 8.66
N GLU B 185 -33.50 -19.56 8.63
CA GLU B 185 -34.25 -20.68 9.16
CA GLU B 185 -34.24 -20.72 9.12
C GLU B 185 -34.13 -20.77 10.68
C GLU B 185 -34.12 -20.83 10.64
N ARG B 186 -35.21 -21.30 11.26
CA ARG B 186 -35.26 -21.65 12.67
C ARG B 186 -34.94 -20.45 13.56
N THR B 187 -35.73 -19.38 13.35
CA THR B 187 -35.56 -18.18 14.17
C THR B 187 -35.76 -18.44 15.65
N ALA B 188 -36.35 -19.59 16.04
CA ALA B 188 -36.41 -19.91 17.46
C ALA B 188 -35.02 -20.10 18.06
N GLU B 189 -34.00 -20.38 17.24
CA GLU B 189 -32.62 -20.59 17.71
C GLU B 189 -31.82 -19.31 17.57
N TYR B 190 -31.41 -18.78 18.73
CA TYR B 190 -30.73 -17.48 18.75
C TYR B 190 -29.83 -17.38 19.97
N TYR B 191 -28.90 -16.40 19.84
CA TYR B 191 -28.05 -15.93 20.92
C TYR B 191 -28.65 -14.62 21.45
N ARG B 192 -28.62 -14.43 22.76
CA ARG B 192 -29.18 -13.24 23.39
C ARG B 192 -28.17 -12.69 24.39
N TYR B 193 -27.90 -11.37 24.33
CA TYR B 193 -27.00 -10.79 25.34
C TYR B 193 -27.27 -9.29 25.42
N ARG B 194 -26.82 -8.71 26.53
CA ARG B 194 -26.91 -7.28 26.75
C ARG B 194 -25.69 -6.57 26.21
N GLY B 195 -25.91 -5.60 25.31
CA GLY B 195 -24.78 -4.90 24.74
C GLY B 195 -25.15 -3.49 24.36
N SER B 196 -24.54 -3.04 23.27
CA SER B 196 -24.54 -1.63 22.93
C SER B 196 -24.85 -1.44 21.46
N LEU B 197 -25.04 -0.16 21.09
CA LEU B 197 -24.89 0.24 19.70
C LEU B 197 -23.48 -0.05 19.27
N THR B 198 -23.31 -0.46 17.99
CA THR B 198 -21.95 -0.74 17.49
C THR B 198 -21.33 0.45 16.80
N THR B 199 -22.03 1.59 16.81
CA THR B 199 -21.50 2.84 16.29
C THR B 199 -21.65 3.86 17.40
N PRO B 200 -20.91 4.99 17.31
CA PRO B 200 -21.21 6.13 18.19
C PRO B 200 -22.69 6.41 18.15
N PRO B 201 -23.32 6.79 19.27
N PRO B 201 -23.32 6.79 19.28
CA PRO B 201 -22.68 7.02 20.57
CA PRO B 201 -22.65 7.02 20.56
C PRO B 201 -22.50 5.80 21.48
C PRO B 201 -22.33 5.79 21.42
N CYS B 202 -22.61 4.57 20.91
CA CYS B 202 -22.22 3.34 21.61
C CYS B 202 -23.01 3.09 22.89
N ASN B 203 -24.24 3.62 22.98
N ASN B 203 -24.27 3.57 22.94
CA ASN B 203 -24.97 3.52 24.24
CA ASN B 203 -25.07 3.51 24.17
C ASN B 203 -25.15 2.05 24.59
C ASN B 203 -25.25 2.05 24.59
N PRO B 204 -24.98 1.70 25.87
CA PRO B 204 -25.10 0.28 26.30
C PRO B 204 -26.55 -0.10 26.65
N THR B 205 -27.42 0.05 25.68
CA THR B 205 -28.86 0.01 25.94
C THR B 205 -29.56 -1.00 25.03
N VAL B 206 -28.78 -1.92 24.42
CA VAL B 206 -29.35 -2.80 23.40
C VAL B 206 -29.44 -4.23 23.96
N LEU B 207 -30.63 -4.81 23.81
CA LEU B 207 -30.81 -6.24 23.92
CA LEU B 207 -30.82 -6.24 23.92
C LEU B 207 -30.60 -6.86 22.54
N TRP B 208 -29.47 -7.57 22.41
CA TRP B 208 -29.13 -8.19 21.10
C TRP B 208 -29.74 -9.57 20.98
N THR B 209 -30.29 -9.87 19.80
CA THR B 209 -30.65 -11.24 19.42
C THR B 209 -29.94 -11.50 18.11
N VAL B 210 -29.03 -12.48 18.14
CA VAL B 210 -28.28 -12.84 16.92
C VAL B 210 -28.82 -14.23 16.54
N PHE B 211 -29.41 -14.36 15.36
CA PHE B 211 -29.96 -15.69 15.04
C PHE B 211 -28.83 -16.68 14.86
N ARG B 212 -29.10 -17.95 15.20
CA ARG B 212 -28.06 -18.96 15.09
C ARG B 212 -27.66 -19.22 13.64
N ASN B 213 -28.62 -19.27 12.73
CA ASN B 213 -28.33 -19.70 11.37
C ASN B 213 -28.14 -18.48 10.48
N PRO B 214 -27.16 -18.51 9.56
CA PRO B 214 -27.00 -17.42 8.60
C PRO B 214 -27.97 -17.55 7.44
N VAL B 215 -28.08 -16.45 6.67
CA VAL B 215 -28.66 -16.47 5.35
C VAL B 215 -27.54 -16.36 4.32
N GLN B 216 -27.88 -16.58 3.05
CA GLN B 216 -26.90 -16.43 1.97
C GLN B 216 -27.32 -15.29 1.03
N ILE B 217 -26.32 -14.56 0.54
CA ILE B 217 -26.48 -13.68 -0.61
C ILE B 217 -25.30 -14.01 -1.55
N SER B 218 -25.43 -13.63 -2.82
CA SER B 218 -24.40 -14.07 -3.78
C SER B 218 -23.17 -13.19 -3.74
N GLN B 219 -22.09 -13.69 -4.34
CA GLN B 219 -20.88 -12.90 -4.58
C GLN B 219 -21.22 -11.63 -5.34
N GLU B 220 -22.14 -11.72 -6.34
CA GLU B 220 -22.45 -10.54 -7.12
C GLU B 220 -23.21 -9.53 -6.26
N GLN B 221 -24.10 -10.01 -5.38
CA GLN B 221 -24.81 -9.09 -4.49
C GLN B 221 -23.84 -8.44 -3.53
N LEU B 222 -22.89 -9.22 -3.00
CA LEU B 222 -21.89 -8.63 -2.11
C LEU B 222 -21.04 -7.58 -2.84
N LEU B 223 -20.64 -7.88 -4.08
CA LEU B 223 -19.79 -6.94 -4.80
C LEU B 223 -20.57 -5.64 -5.04
N ALA B 224 -21.86 -5.74 -5.39
CA ALA B 224 -22.67 -4.55 -5.63
C ALA B 224 -22.73 -3.74 -4.33
N LEU B 225 -23.01 -4.44 -3.22
CA LEU B 225 -23.10 -3.76 -1.93
C LEU B 225 -21.79 -3.04 -1.56
N GLU B 226 -20.67 -3.70 -1.86
CA GLU B 226 -19.34 -3.24 -1.46
C GLU B 226 -18.81 -2.15 -2.41
N THR B 227 -19.45 -1.93 -3.56
CA THR B 227 -18.97 -0.93 -4.52
C THR B 227 -19.97 0.19 -4.79
N ALA B 228 -21.20 0.11 -4.30
CA ALA B 228 -22.23 1.08 -4.68
C ALA B 228 -22.18 2.38 -3.88
N LEU B 229 -21.64 2.34 -2.68
CA LEU B 229 -21.99 3.40 -1.72
C LEU B 229 -20.78 4.20 -1.28
N TYR B 230 -21.03 5.47 -0.94
CA TYR B 230 -20.04 6.39 -0.43
C TYR B 230 -20.53 6.97 0.89
N CYS B 231 -19.57 7.30 1.73
CA CYS B 231 -19.87 7.99 2.98
C CYS B 231 -20.04 9.50 2.78
N THR B 232 -19.69 10.01 1.60
CA THR B 232 -19.53 11.44 1.36
C THR B 232 -20.63 11.93 0.42
N HIS B 233 -20.83 13.25 0.47
CA HIS B 233 -21.77 13.86 -0.46
C HIS B 233 -21.34 13.71 -1.92
N MET B 234 -22.33 13.85 -2.82
N MET B 234 -22.30 13.78 -2.85
CA MET B 234 -22.11 13.74 -4.26
CA MET B 234 -21.98 13.68 -4.27
C MET B 234 -21.07 14.75 -4.79
C MET B 234 -20.89 14.68 -4.68
N ASP B 235 -20.92 15.89 -4.12
CA ASP B 235 -19.98 16.92 -4.56
C ASP B 235 -18.71 16.98 -3.73
N ASP B 236 -18.43 15.97 -2.90
CA ASP B 236 -17.29 16.10 -2.00
C ASP B 236 -16.00 15.85 -2.79
N PRO B 237 -15.00 16.77 -2.68
CA PRO B 237 -13.73 16.56 -3.41
C PRO B 237 -12.81 15.52 -2.79
N SER B 238 -13.17 14.93 -1.64
N SER B 238 -13.23 14.99 -1.64
CA SER B 238 -12.36 13.86 -1.05
CA SER B 238 -12.51 13.93 -0.93
C SER B 238 -13.26 12.66 -0.75
C SER B 238 -13.45 12.75 -0.74
N PRO B 239 -13.80 12.00 -1.80
CA PRO B 239 -14.77 10.91 -1.62
C PRO B 239 -14.21 9.79 -0.77
N ARG B 240 -15.10 9.16 0.01
CA ARG B 240 -14.74 7.98 0.80
C ARG B 240 -15.76 6.90 0.51
N GLU B 241 -15.30 5.73 0.11
CA GLU B 241 -16.17 4.58 -0.11
C GLU B 241 -16.74 4.06 1.21
N MET B 242 -18.00 3.65 1.18
CA MET B 242 -18.62 3.02 2.34
C MET B 242 -18.32 1.52 2.28
N ILE B 243 -17.19 1.16 2.91
CA ILE B 243 -16.67 -0.20 2.92
C ILE B 243 -16.15 -0.45 4.33
N ASN B 244 -16.00 -1.72 4.69
CA ASN B 244 -15.40 -2.12 5.95
C ASN B 244 -16.10 -1.42 7.12
N ASN B 245 -17.43 -1.35 7.06
CA ASN B 245 -18.18 -0.58 8.03
C ASN B 245 -18.65 -1.50 9.16
N PHE B 246 -17.69 -2.13 9.82
CA PHE B 246 -17.97 -3.02 10.95
C PHE B 246 -16.99 -2.65 12.05
N ARG B 247 -17.45 -2.75 13.30
CA ARG B 247 -16.58 -2.53 14.44
C ARG B 247 -15.91 -3.86 14.81
N GLN B 248 -14.65 -3.84 15.26
CA GLN B 248 -14.01 -5.03 15.84
C GLN B 248 -14.78 -5.53 17.05
N VAL B 249 -14.67 -6.83 17.32
CA VAL B 249 -15.30 -7.40 18.52
C VAL B 249 -14.65 -6.83 19.79
N GLN B 250 -15.44 -6.83 20.85
CA GLN B 250 -15.12 -6.19 22.12
C GLN B 250 -14.82 -7.21 23.21
N LYS B 251 -14.06 -6.80 24.23
CA LYS B 251 -13.90 -7.67 25.39
C LYS B 251 -15.28 -7.99 26.00
N PHE B 252 -15.39 -9.21 26.49
CA PHE B 252 -16.66 -9.51 27.09
C PHE B 252 -16.49 -9.45 28.65
N ASP B 253 -16.16 -8.25 29.24
CA ASP B 253 -16.39 -7.71 30.59
C ASP B 253 -17.27 -8.60 31.51
N ARG B 255 -19.53 -10.79 30.87
CA ARG B 255 -20.85 -11.15 30.39
C ARG B 255 -20.88 -12.65 29.96
N LEU B 256 -22.07 -13.28 29.98
CA LEU B 256 -22.37 -14.48 29.21
C LEU B 256 -23.36 -14.15 28.11
N VAL B 257 -23.33 -14.98 27.10
CA VAL B 257 -24.33 -14.93 26.03
C VAL B 257 -25.23 -16.14 26.27
N TYR B 258 -26.54 -15.91 26.25
CA TYR B 258 -27.52 -16.94 26.51
C TYR B 258 -28.05 -17.48 25.21
N THR B 259 -28.23 -18.78 25.11
CA THR B 259 -28.68 -19.40 23.88
C THR B 259 -30.04 -20.05 24.08
N SER B 260 -30.88 -19.95 23.06
CA SER B 260 -32.19 -20.59 23.10
C SER B 260 -32.11 -22.07 22.65
N PHE B 261 -30.91 -22.52 22.30
CA PHE B 261 -30.65 -23.86 21.82
C PHE B 261 -29.56 -24.42 22.71
N SER B 262 -29.67 -25.74 22.98
CA SER B 262 -28.75 -26.32 23.94
C SER B 262 -27.63 -27.04 23.22
N GLN B 263 -27.86 -27.39 21.96
CA GLN B 263 -26.88 -28.09 21.13
C GLN B 263 -27.22 -27.78 19.66
N TRP C 4 19.43 18.52 -4.66
CA TRP C 4 18.62 17.75 -5.64
C TRP C 4 18.35 16.37 -5.05
N THR C 5 17.29 15.72 -5.54
CA THR C 5 16.91 14.41 -5.03
C THR C 5 16.45 13.58 -6.23
N TYR C 6 16.01 12.34 -5.97
CA TYR C 6 15.28 11.52 -6.95
C TYR C 6 13.76 11.45 -6.73
N PHE C 7 13.13 12.36 -5.97
CA PHE C 7 11.65 12.44 -5.98
C PHE C 7 11.15 13.90 -5.95
N GLY C 8 9.98 14.26 -6.52
CA GLY C 8 9.56 15.66 -6.52
C GLY C 8 9.35 16.14 -5.09
N PRO C 9 9.55 17.45 -4.77
CA PRO C 9 9.70 18.49 -5.78
C PRO C 9 11.12 18.84 -6.22
N ASP C 10 12.15 18.21 -5.61
CA ASP C 10 13.54 18.48 -5.98
C ASP C 10 14.12 17.39 -6.89
N GLY C 11 13.23 16.54 -7.44
CA GLY C 11 13.51 15.34 -8.21
C GLY C 11 13.87 15.72 -9.64
N GLU C 12 13.97 14.69 -10.45
CA GLU C 12 14.68 14.83 -11.72
C GLU C 12 14.03 15.82 -12.68
N ASN C 13 12.71 15.92 -12.69
CA ASN C 13 12.09 16.84 -13.60
C ASN C 13 12.38 18.30 -13.23
N SER C 14 12.86 18.55 -12.00
CA SER C 14 13.16 19.89 -11.54
C SER C 14 14.66 20.21 -11.59
N TRP C 15 15.51 19.23 -11.89
CA TRP C 15 16.94 19.50 -11.88
C TRP C 15 17.32 20.68 -12.77
N SER C 16 16.65 20.82 -13.92
CA SER C 16 17.06 21.83 -14.90
C SER C 16 16.92 23.26 -14.37
N LYS C 17 16.12 23.48 -13.33
N LYS C 17 16.16 23.45 -13.28
CA LYS C 17 16.04 24.81 -12.72
CA LYS C 17 16.00 24.80 -12.76
C LYS C 17 17.45 25.27 -12.35
C LYS C 17 17.29 25.33 -12.16
N LYS C 18 18.08 24.50 -11.46
CA LYS C 18 19.37 24.90 -10.93
C LYS C 18 20.51 24.45 -11.80
N TYR C 19 20.30 23.41 -12.60
CA TYR C 19 21.37 22.79 -13.37
C TYR C 19 20.94 22.77 -14.82
N PRO C 20 21.18 23.85 -15.59
CA PRO C 20 20.54 23.97 -16.89
C PRO C 20 20.92 22.84 -17.84
N SER C 21 22.10 22.22 -17.70
CA SER C 21 22.43 21.18 -18.66
C SER C 21 21.51 19.96 -18.53
N CYS C 22 20.80 19.84 -17.40
CA CYS C 22 19.85 18.71 -17.26
C CYS C 22 18.70 18.78 -18.26
N GLY C 23 18.45 19.97 -18.83
CA GLY C 23 17.43 20.16 -19.84
C GLY C 23 18.05 20.32 -21.23
N GLY C 24 19.37 20.12 -21.37
CA GLY C 24 20.04 20.37 -22.66
C GLY C 24 20.18 19.11 -23.47
N LEU C 25 21.18 19.14 -24.35
CA LEU C 25 21.42 18.07 -25.30
C LEU C 25 22.21 16.93 -24.63
N LEU C 26 22.23 15.80 -25.33
CA LEU C 26 23.09 14.66 -25.10
C LEU C 26 22.82 14.00 -23.74
N GLN C 27 21.58 14.08 -23.23
CA GLN C 27 21.35 13.54 -21.89
C GLN C 27 21.31 12.00 -21.85
N SER C 28 21.85 11.49 -20.75
CA SER C 28 21.87 10.07 -20.39
C SER C 28 20.97 9.83 -19.17
N PRO C 29 20.56 8.58 -18.88
CA PRO C 29 20.81 7.35 -19.62
C PRO C 29 19.80 7.19 -20.74
N ILE C 30 19.97 6.11 -21.51
CA ILE C 30 19.13 5.83 -22.68
C ILE C 30 18.82 4.33 -22.72
N ASP C 31 17.83 4.02 -23.54
CA ASP C 31 17.52 2.63 -23.89
C ASP C 31 18.38 2.15 -25.05
N LEU C 32 19.04 1.00 -24.84
CA LEU C 32 19.90 0.39 -25.85
C LEU C 32 19.10 -0.68 -26.59
N HIS C 33 18.76 -0.48 -27.86
CA HIS C 33 17.87 -1.42 -28.54
C HIS C 33 18.36 -1.58 -29.96
N SER C 34 17.96 -2.68 -30.66
CA SER C 34 18.69 -3.15 -31.83
C SER C 34 18.72 -2.11 -32.95
N ASP C 35 17.58 -1.42 -33.17
CA ASP C 35 17.38 -0.50 -34.29
C ASP C 35 18.35 0.68 -34.28
N ILE C 36 18.97 1.00 -33.14
CA ILE C 36 19.89 2.13 -33.09
C ILE C 36 21.32 1.67 -32.86
N LEU C 37 21.62 0.37 -32.96
CA LEU C 37 23.00 -0.08 -32.80
C LEU C 37 23.72 -0.14 -34.14
N GLN C 38 25.00 0.21 -34.14
CA GLN C 38 25.82 0.08 -35.33
C GLN C 38 27.20 -0.41 -34.90
N TYR C 39 27.68 -1.49 -35.51
CA TYR C 39 29.06 -1.95 -35.29
C TYR C 39 30.04 -0.84 -35.70
N ASP C 40 31.11 -0.66 -34.92
CA ASP C 40 32.15 0.33 -35.20
C ASP C 40 33.49 -0.35 -34.96
N ALA C 41 34.29 -0.49 -36.03
CA ALA C 41 35.57 -1.19 -35.97
C ALA C 41 36.60 -0.43 -35.15
N SER C 42 36.35 0.85 -34.82
CA SER C 42 37.30 1.59 -34.00
C SER C 42 37.25 1.15 -32.54
N LEU C 43 36.19 0.40 -32.14
CA LEU C 43 35.95 0.15 -30.72
C LEU C 43 36.72 -1.06 -30.24
N THR C 44 38.03 -0.82 -30.13
CA THR C 44 38.98 -1.86 -29.73
C THR C 44 38.94 -2.03 -28.20
N PRO C 45 39.55 -3.09 -27.65
CA PRO C 45 39.43 -3.32 -26.21
C PRO C 45 40.10 -2.24 -25.36
N LEU C 46 39.47 -1.86 -24.26
CA LEU C 46 40.07 -1.00 -23.26
C LEU C 46 40.96 -1.84 -22.36
N GLU C 47 41.99 -1.17 -21.81
CA GLU C 47 42.85 -1.73 -20.78
C GLU C 47 42.63 -0.97 -19.47
N PHE C 48 42.53 -1.73 -18.37
CA PHE C 48 42.26 -1.13 -17.07
C PHE C 48 43.56 -1.21 -16.29
N GLN C 49 44.18 -0.05 -16.09
CA GLN C 49 45.51 0.03 -15.49
C GLN C 49 45.42 0.58 -14.08
N GLY C 50 46.22 -0.01 -13.18
CA GLY C 50 46.22 0.46 -11.81
C GLY C 50 44.96 0.08 -11.04
N TYR C 51 44.13 -0.84 -11.58
CA TYR C 51 42.86 -1.16 -10.91
C TYR C 51 43.09 -2.11 -9.73
N ASN C 52 44.27 -2.74 -9.63
CA ASN C 52 44.48 -3.72 -8.57
C ASN C 52 44.97 -3.01 -7.30
N LEU C 53 44.02 -2.43 -6.55
CA LEU C 53 44.33 -1.69 -5.31
C LEU C 53 44.73 -2.66 -4.18
N SER C 54 45.80 -2.31 -3.46
N SER C 54 45.82 -2.35 -3.49
CA SER C 54 46.27 -3.12 -2.34
CA SER C 54 46.29 -3.20 -2.39
C SER C 54 45.28 -3.17 -1.19
C SER C 54 45.35 -3.17 -1.19
N ALA C 55 45.15 -4.35 -0.59
CA ALA C 55 44.31 -4.53 0.59
C ALA C 55 44.86 -3.74 1.77
N ASN C 56 46.14 -3.32 1.72
CA ASN C 56 46.64 -2.66 2.92
C ASN C 56 46.48 -1.15 2.75
N LYS C 57 45.92 -0.75 1.58
CA LYS C 57 45.50 0.64 1.39
C LYS C 57 44.00 0.73 1.62
N GLN C 58 43.51 1.97 1.82
CA GLN C 58 42.07 2.10 2.01
C GLN C 58 41.54 3.33 1.28
N PHE C 59 40.23 3.26 1.03
CA PHE C 59 39.54 4.15 0.10
C PHE C 59 38.26 4.62 0.75
N LEU C 60 37.96 5.92 0.64
CA LEU C 60 36.85 6.52 1.38
C LEU C 60 35.51 6.17 0.74
N LEU C 61 34.62 5.55 1.50
CA LEU C 61 33.22 5.29 1.15
C LEU C 61 32.35 6.34 1.80
N THR C 62 31.49 6.97 1.00
CA THR C 62 30.63 8.05 1.50
C THR C 62 29.18 7.80 1.09
N ASN C 63 28.25 7.99 2.03
CA ASN C 63 26.85 8.18 1.72
C ASN C 63 26.62 9.68 1.54
N ASN C 64 26.37 10.12 0.30
CA ASN C 64 26.21 11.54 0.06
C ASN C 64 24.74 11.91 -0.07
N GLY C 65 23.85 11.03 0.37
CA GLY C 65 22.43 11.31 0.20
C GLY C 65 21.84 10.90 -1.16
N HIS C 66 22.67 10.76 -2.20
CA HIS C 66 22.26 10.42 -3.57
C HIS C 66 22.59 8.98 -3.92
N SER C 67 23.75 8.50 -3.46
N SER C 67 23.82 8.58 -3.52
CA SER C 67 24.21 7.13 -3.69
CA SER C 67 24.33 7.24 -3.74
C SER C 67 25.22 6.84 -2.60
C SER C 67 25.36 6.93 -2.67
N VAL C 68 25.93 5.73 -2.77
CA VAL C 68 27.11 5.45 -2.00
C VAL C 68 28.25 5.48 -3.00
N LYS C 69 29.28 6.25 -2.67
CA LYS C 69 30.43 6.41 -3.56
C LYS C 69 31.70 5.95 -2.87
N LEU C 70 32.61 5.37 -3.65
CA LEU C 70 33.95 4.99 -3.23
C LEU C 70 34.92 5.88 -3.98
N ASN C 71 35.74 6.65 -3.25
CA ASN C 71 36.78 7.40 -3.91
C ASN C 71 37.87 6.46 -4.46
N LEU C 72 38.40 6.81 -5.64
CA LEU C 72 39.39 6.01 -6.32
C LEU C 72 40.60 6.88 -6.62
N PRO C 73 41.80 6.28 -6.66
CA PRO C 73 43.01 7.06 -6.87
C PRO C 73 43.24 7.37 -8.34
N SER C 74 43.83 8.56 -8.62
CA SER C 74 44.08 8.99 -9.99
C SER C 74 45.10 8.12 -10.75
N ASP C 75 45.86 7.26 -10.03
CA ASP C 75 46.79 6.35 -10.70
C ASP C 75 46.03 5.21 -11.44
N MET C 76 44.75 5.01 -11.15
CA MET C 76 43.89 4.09 -11.88
C MET C 76 43.46 4.78 -13.17
N HIS C 77 43.61 4.08 -14.32
CA HIS C 77 43.21 4.75 -15.54
C HIS C 77 42.80 3.77 -16.63
N ILE C 78 42.02 4.30 -17.59
CA ILE C 78 41.67 3.57 -18.78
C ILE C 78 42.72 3.91 -19.82
N GLN C 79 43.24 2.87 -20.48
CA GLN C 79 44.10 2.95 -21.63
C GLN C 79 43.29 2.43 -22.83
N GLY C 80 43.42 3.13 -23.94
CA GLY C 80 42.82 2.74 -25.20
C GLY C 80 41.91 3.81 -25.78
N LEU C 81 41.60 4.89 -25.01
CA LEU C 81 40.85 6.02 -25.54
C LEU C 81 41.83 7.04 -26.13
N GLN C 82 41.33 8.18 -26.67
CA GLN C 82 42.21 9.10 -27.40
C GLN C 82 43.10 9.91 -26.45
N SER C 83 42.70 9.97 -25.18
CA SER C 83 43.38 10.56 -24.03
C SER C 83 43.38 9.52 -22.92
N ARG C 84 44.29 9.67 -21.97
CA ARG C 84 44.18 8.95 -20.70
C ARG C 84 43.02 9.50 -19.87
N TYR C 85 42.17 8.57 -19.37
CA TYR C 85 41.13 8.93 -18.43
C TYR C 85 41.45 8.28 -17.10
N SER C 86 41.60 9.11 -16.07
CA SER C 86 41.97 8.66 -14.74
C SER C 86 40.72 8.54 -13.85
N ALA C 87 40.73 7.57 -12.93
CA ALA C 87 39.57 7.36 -12.06
C ALA C 87 39.42 8.49 -11.03
N THR C 88 38.15 8.69 -10.65
CA THR C 88 37.82 9.57 -9.54
C THR C 88 37.00 8.85 -8.48
N GLN C 89 35.98 8.08 -8.88
CA GLN C 89 35.10 7.44 -7.88
C GLN C 89 34.25 6.41 -8.64
N LEU C 90 33.69 5.47 -7.84
CA LEU C 90 32.59 4.68 -8.37
C LEU C 90 31.39 4.76 -7.45
N HIS C 91 30.22 4.39 -7.96
CA HIS C 91 28.97 4.42 -7.22
C HIS C 91 27.98 3.49 -7.91
N LEU C 92 26.81 3.30 -7.27
CA LEU C 92 25.76 2.43 -7.80
C LEU C 92 24.43 3.12 -7.84
N HIS C 93 23.55 2.48 -8.64
CA HIS C 93 22.15 2.90 -8.77
C HIS C 93 21.30 1.65 -8.59
N TRP C 94 20.16 1.79 -7.89
CA TRP C 94 19.30 0.63 -7.65
C TRP C 94 17.85 1.07 -7.52
N GLY C 95 16.97 0.06 -7.39
CA GLY C 95 15.54 0.29 -7.29
C GLY C 95 15.06 0.15 -5.85
N ASN C 96 14.09 -0.75 -5.61
CA ASN C 96 13.61 -0.93 -4.25
C ASN C 96 13.11 -2.36 -4.13
N PRO C 97 12.90 -2.91 -2.91
CA PRO C 97 12.53 -4.33 -2.81
C PRO C 97 11.21 -4.71 -3.48
N ASN C 98 10.30 -3.74 -3.64
CA ASN C 98 9.01 -4.03 -4.29
C ASN C 98 9.15 -4.01 -5.82
N ASP C 99 10.22 -3.40 -6.35
CA ASP C 99 10.42 -3.29 -7.78
C ASP C 99 11.94 -3.19 -8.00
N PRO C 100 12.61 -4.36 -7.96
CA PRO C 100 14.07 -4.41 -7.86
C PRO C 100 14.70 -4.30 -9.24
N HIS C 101 14.44 -3.17 -9.92
CA HIS C 101 14.88 -3.00 -11.30
C HIS C 101 15.30 -1.56 -11.46
N GLY C 102 16.49 -1.20 -10.99
CA GLY C 102 16.90 0.18 -10.91
C GLY C 102 18.21 0.52 -11.63
N SER C 103 18.53 -0.24 -12.68
CA SER C 103 19.58 0.24 -13.57
C SER C 103 19.19 1.58 -14.20
N GLU C 104 20.19 2.30 -14.69
CA GLU C 104 19.94 3.54 -15.41
C GLU C 104 19.72 3.26 -16.90
N HIS C 105 20.72 2.64 -17.56
CA HIS C 105 20.50 2.21 -18.94
C HIS C 105 19.55 1.01 -18.94
N THR C 106 18.78 0.91 -20.01
CA THR C 106 17.92 -0.23 -20.23
C THR C 106 18.34 -0.89 -21.55
N VAL C 107 17.96 -2.18 -21.68
CA VAL C 107 18.29 -2.88 -22.90
C VAL C 107 16.96 -3.43 -23.44
N SER C 108 16.61 -3.04 -24.65
CA SER C 108 15.35 -3.43 -25.24
C SER C 108 14.19 -3.12 -24.31
N GLY C 109 14.29 -1.95 -23.65
CA GLY C 109 13.28 -1.45 -22.77
C GLY C 109 13.36 -1.95 -21.34
N GLN C 110 14.20 -2.96 -21.04
CA GLN C 110 14.19 -3.58 -19.72
C GLN C 110 15.31 -3.04 -18.85
N HIS C 111 14.93 -2.73 -17.60
CA HIS C 111 15.90 -2.42 -16.59
C HIS C 111 16.58 -3.67 -16.05
N PHE C 112 17.85 -3.56 -15.73
CA PHE C 112 18.51 -4.54 -14.90
C PHE C 112 18.29 -4.20 -13.42
N ALA C 113 18.70 -5.10 -12.52
CA ALA C 113 18.51 -4.88 -11.08
C ALA C 113 19.19 -3.63 -10.56
N ALA C 114 20.41 -3.36 -11.06
CA ALA C 114 21.18 -2.23 -10.55
C ALA C 114 22.25 -1.92 -11.60
N GLU C 115 23.04 -0.88 -11.34
CA GLU C 115 24.08 -0.49 -12.29
C GLU C 115 25.24 0.11 -11.48
N LEU C 116 26.46 -0.26 -11.83
CA LEU C 116 27.70 0.27 -11.25
CA LEU C 116 27.63 0.35 -11.22
C LEU C 116 28.34 1.22 -12.26
N HIS C 117 28.76 2.41 -11.80
CA HIS C 117 29.47 3.37 -12.64
C HIS C 117 30.84 3.65 -12.06
N ILE C 118 31.85 3.60 -12.92
CA ILE C 118 33.21 3.99 -12.54
C ILE C 118 33.58 5.25 -13.33
N VAL C 119 33.62 6.38 -12.64
CA VAL C 119 33.76 7.70 -13.22
C VAL C 119 35.26 8.03 -13.36
N HIS C 120 35.62 8.47 -14.58
CA HIS C 120 36.99 8.89 -14.87
C HIS C 120 36.96 10.27 -15.54
N TYR C 121 38.10 10.96 -15.48
CA TYR C 121 38.22 12.27 -16.12
C TYR C 121 39.47 12.26 -17.01
N ASN C 122 39.45 13.23 -17.96
CA ASN C 122 40.53 13.31 -18.94
C ASN C 122 41.72 14.05 -18.31
N SER C 123 42.66 13.27 -17.75
CA SER C 123 43.77 13.82 -17.01
C SER C 123 44.89 14.34 -17.94
N ASP C 124 44.79 14.03 -19.24
CA ASP C 124 45.71 14.67 -20.17
C ASP C 124 45.35 16.14 -20.38
N LEU C 125 44.05 16.46 -20.40
CA LEU C 125 43.60 17.83 -20.63
C LEU C 125 43.39 18.63 -19.35
N TYR C 126 42.98 17.96 -18.26
CA TYR C 126 42.46 18.66 -17.09
C TYR C 126 43.05 18.14 -15.80
N PRO C 127 43.09 18.99 -14.74
CA PRO C 127 43.82 18.59 -13.53
C PRO C 127 43.06 17.69 -12.57
N ASP C 128 41.72 17.68 -12.69
CA ASP C 128 40.92 16.91 -11.73
C ASP C 128 39.53 16.79 -12.35
N ALA C 129 38.70 15.93 -11.75
CA ALA C 129 37.40 15.63 -12.35
C ALA C 129 36.45 16.82 -12.33
N SER C 130 36.47 17.61 -11.25
N SER C 130 36.46 17.59 -11.22
CA SER C 130 35.57 18.76 -11.17
CA SER C 130 35.63 18.78 -11.11
C SER C 130 35.88 19.75 -12.28
C SER C 130 35.89 19.71 -12.28
N THR C 131 37.17 20.01 -12.52
CA THR C 131 37.53 20.93 -13.59
C THR C 131 37.14 20.34 -14.95
N ALA C 132 37.33 19.02 -15.14
CA ALA C 132 37.03 18.42 -16.43
C ALA C 132 35.54 18.38 -16.74
N SER C 133 34.66 18.35 -15.73
CA SER C 133 33.28 17.92 -15.93
C SER C 133 32.54 18.81 -16.93
N ASN C 134 32.84 20.10 -16.92
CA ASN C 134 32.05 20.95 -17.80
C ASN C 134 32.84 21.30 -19.04
N LYS C 135 33.84 20.48 -19.35
CA LYS C 135 34.74 20.83 -20.43
C LYS C 135 34.68 19.75 -21.50
N SER C 136 35.11 20.13 -22.69
CA SER C 136 35.12 19.22 -23.83
C SER C 136 35.93 17.96 -23.52
N GLU C 137 35.35 16.82 -23.84
CA GLU C 137 36.00 15.51 -23.68
C GLU C 137 36.44 15.28 -22.24
N GLY C 138 35.65 15.81 -21.28
CA GLY C 138 36.11 15.84 -19.91
C GLY C 138 36.06 14.49 -19.23
N LEU C 139 35.00 13.70 -19.51
CA LEU C 139 34.70 12.54 -18.66
C LEU C 139 34.51 11.26 -19.47
N ALA C 140 34.73 10.13 -18.78
CA ALA C 140 34.45 8.83 -19.34
C ALA C 140 33.91 7.99 -18.20
N VAL C 141 32.75 7.33 -18.38
CA VAL C 141 32.19 6.48 -17.35
C VAL C 141 32.09 5.06 -17.92
N LEU C 142 32.49 4.12 -17.08
CA LEU C 142 32.27 2.73 -17.36
C LEU C 142 31.01 2.27 -16.65
N ALA C 143 30.12 1.54 -17.34
CA ALA C 143 28.87 1.10 -16.74
C ALA C 143 28.79 -0.42 -16.81
N VAL C 144 28.45 -1.00 -15.64
CA VAL C 144 28.25 -2.44 -15.53
C VAL C 144 26.79 -2.66 -15.11
N LEU C 145 26.09 -3.46 -15.92
CA LEU C 145 24.70 -3.85 -15.60
C LEU C 145 24.75 -5.01 -14.61
N ILE C 146 23.85 -4.97 -13.61
CA ILE C 146 23.87 -5.98 -12.54
C ILE C 146 22.52 -6.68 -12.54
N GLU C 147 22.54 -8.03 -12.52
CA GLU C 147 21.31 -8.82 -12.38
C GLU C 147 21.44 -9.75 -11.19
N MET C 148 20.30 -10.29 -10.76
CA MET C 148 20.34 -11.29 -9.72
C MET C 148 20.91 -12.62 -10.22
N GLY C 149 21.71 -13.26 -9.37
CA GLY C 149 22.15 -14.62 -9.62
C GLY C 149 23.05 -15.12 -8.48
N SER C 150 24.25 -15.60 -8.83
N SER C 150 24.28 -15.51 -8.82
CA SER C 150 25.18 -16.06 -7.81
CA SER C 150 25.23 -16.05 -7.86
C SER C 150 25.66 -14.91 -6.92
C SER C 150 25.84 -14.95 -6.99
N PHE C 151 26.05 -15.31 -5.71
CA PHE C 151 26.71 -14.43 -4.76
C PHE C 151 28.02 -13.97 -5.39
N ASN C 152 28.33 -12.70 -5.18
CA ASN C 152 29.50 -12.11 -5.82
C ASN C 152 30.45 -11.59 -4.74
N PRO C 153 31.57 -12.29 -4.45
CA PRO C 153 32.45 -11.90 -3.36
C PRO C 153 33.11 -10.55 -3.61
N SER C 154 33.30 -10.18 -4.89
CA SER C 154 33.95 -8.91 -5.19
C SER C 154 33.03 -7.73 -4.86
N TYR C 155 31.76 -7.80 -5.30
CA TYR C 155 30.81 -6.76 -4.91
C TYR C 155 30.66 -6.70 -3.39
N ASP C 156 30.79 -7.82 -2.69
CA ASP C 156 30.64 -7.83 -1.24
C ASP C 156 31.76 -7.07 -0.55
N LYS C 157 32.89 -6.84 -1.22
CA LYS C 157 33.96 -5.99 -0.71
C LYS C 157 33.49 -4.54 -0.52
N ILE C 158 32.45 -4.13 -1.27
CA ILE C 158 31.80 -2.84 -0.98
C ILE C 158 30.63 -3.05 -0.02
N PHE C 159 29.75 -4.02 -0.33
CA PHE C 159 28.49 -4.13 0.34
C PHE C 159 28.65 -4.43 1.83
N SER C 160 29.75 -5.09 2.19
CA SER C 160 29.98 -5.47 3.58
C SER C 160 30.31 -4.29 4.49
N HIS C 161 30.42 -3.07 3.96
CA HIS C 161 30.67 -1.85 4.71
C HIS C 161 29.47 -0.92 4.80
N LEU C 162 28.35 -1.27 4.15
CA LEU C 162 27.26 -0.30 4.05
C LEU C 162 26.68 0.10 5.41
N GLN C 163 26.70 -0.80 6.42
CA GLN C 163 26.05 -0.43 7.68
C GLN C 163 26.84 0.63 8.44
N HIS C 164 28.07 0.97 7.98
CA HIS C 164 28.85 2.04 8.58
C HIS C 164 28.57 3.42 7.95
N VAL C 165 27.77 3.46 6.89
CA VAL C 165 27.48 4.71 6.21
C VAL C 165 25.97 4.80 5.97
N LYS C 166 25.17 4.44 7.00
CA LYS C 166 23.74 4.39 6.78
C LYS C 166 23.12 5.76 6.55
N TYR C 167 23.71 6.85 7.08
CA TYR C 167 23.07 8.15 7.03
C TYR C 167 23.84 9.10 6.13
N LYS C 168 23.11 10.05 5.53
CA LYS C 168 23.72 11.05 4.66
C LYS C 168 24.85 11.74 5.40
N GLY C 169 25.98 11.85 4.71
CA GLY C 169 27.18 12.50 5.22
C GLY C 169 28.15 11.56 5.90
N GLN C 170 27.74 10.33 6.20
CA GLN C 170 28.66 9.42 6.89
C GLN C 170 29.68 8.84 5.92
N GLU C 171 30.86 8.55 6.47
CA GLU C 171 32.01 8.06 5.71
C GLU C 171 32.63 6.88 6.44
N ALA C 172 33.27 5.99 5.69
CA ALA C 172 34.03 4.90 6.27
C ALA C 172 35.05 4.50 5.27
N PHE C 173 36.04 3.76 5.66
CA PHE C 173 37.08 3.31 4.75
C PHE C 173 36.85 1.86 4.33
N VAL C 174 37.18 1.59 3.06
CA VAL C 174 37.10 0.24 2.50
C VAL C 174 38.52 -0.20 2.18
N PRO C 175 39.03 -1.37 2.63
CA PRO C 175 40.34 -1.80 2.15
C PRO C 175 40.37 -1.91 0.62
N GLY C 176 41.52 -1.65 0.02
CA GLY C 176 41.71 -1.85 -1.41
C GLY C 176 41.36 -3.27 -1.83
N PHE C 177 40.91 -3.38 -3.08
CA PHE C 177 40.78 -4.67 -3.77
C PHE C 177 40.93 -4.39 -5.27
N ASN C 178 40.96 -5.45 -6.07
CA ASN C 178 41.08 -5.32 -7.49
C ASN C 178 39.74 -4.92 -8.10
N ILE C 179 39.65 -3.64 -8.48
CA ILE C 179 38.41 -3.07 -8.99
C ILE C 179 38.01 -3.77 -10.30
N GLU C 180 38.98 -4.33 -11.01
CA GLU C 180 38.63 -5.02 -12.24
C GLU C 180 37.71 -6.22 -11.96
N GLU C 181 37.70 -6.72 -10.71
CA GLU C 181 36.82 -7.82 -10.35
C GLU C 181 35.34 -7.43 -10.40
N LEU C 182 35.03 -6.14 -10.46
CA LEU C 182 33.65 -5.63 -10.57
C LEU C 182 33.14 -5.66 -12.01
N LEU C 183 34.06 -5.79 -12.97
CA LEU C 183 33.73 -5.75 -14.38
C LEU C 183 33.26 -7.14 -14.81
N PRO C 184 32.41 -7.19 -15.85
CA PRO C 184 31.87 -8.46 -16.32
C PRO C 184 32.83 -9.21 -17.22
N GLU C 185 32.35 -10.37 -17.65
CA GLU C 185 33.08 -11.16 -18.65
C GLU C 185 33.07 -10.43 -19.99
N ARG C 186 34.21 -10.61 -20.70
CA ARG C 186 34.38 -10.18 -22.08
C ARG C 186 34.15 -8.69 -22.19
N THR C 187 34.94 -7.95 -21.42
CA THR C 187 34.89 -6.50 -21.47
C THR C 187 35.12 -5.94 -22.88
N ALA C 188 35.71 -6.72 -23.80
CA ALA C 188 35.87 -6.28 -25.18
C ALA C 188 34.53 -5.98 -25.87
N GLU C 189 33.43 -6.53 -25.35
CA GLU C 189 32.09 -6.34 -25.90
C GLU C 189 31.38 -5.22 -25.13
N TYR C 190 31.12 -4.10 -25.83
CA TYR C 190 30.54 -2.94 -25.17
C TYR C 190 29.75 -2.11 -26.17
N TYR C 191 28.88 -1.28 -25.59
CA TYR C 191 28.19 -0.19 -26.25
C TYR C 191 28.91 1.14 -25.94
N ARG C 192 28.95 2.03 -26.94
CA ARG C 192 29.65 3.30 -26.77
C ARG C 192 28.76 4.41 -27.33
N TYR C 193 28.62 5.51 -26.56
CA TYR C 193 27.97 6.71 -27.13
C TYR C 193 28.40 7.92 -26.32
N ARG C 194 28.30 9.11 -26.93
N ARG C 194 28.15 9.09 -26.90
CA ARG C 194 28.49 10.34 -26.19
CA ARG C 194 28.42 10.38 -26.28
C ARG C 194 27.20 10.72 -25.50
C ARG C 194 27.20 10.87 -25.52
N GLY C 195 27.32 11.04 -24.21
CA GLY C 195 26.18 11.47 -23.43
C GLY C 195 26.58 12.36 -22.27
N SER C 196 25.89 12.17 -21.14
CA SER C 196 26.02 13.15 -20.06
C SER C 196 26.20 12.44 -18.74
N LEU C 197 26.50 13.25 -17.70
CA LEU C 197 26.26 12.78 -16.35
C LEU C 197 24.76 12.51 -16.19
N THR C 198 24.40 11.50 -15.37
CA THR C 198 23.00 11.18 -15.14
C THR C 198 22.49 11.86 -13.87
N THR C 199 23.33 12.61 -13.19
CA THR C 199 22.95 13.42 -12.06
C THR C 199 23.32 14.86 -12.36
N PRO C 200 22.78 15.84 -11.60
CA PRO C 200 23.29 17.21 -11.70
C PRO C 200 24.81 17.21 -11.53
N PRO C 201 25.55 18.03 -12.29
CA PRO C 201 24.98 19.04 -13.20
C PRO C 201 24.64 18.58 -14.60
N CYS C 202 24.66 17.25 -14.85
CA CYS C 202 24.18 16.73 -16.15
C CYS C 202 25.03 17.12 -17.35
N ASN C 203 26.31 17.47 -17.14
CA ASN C 203 27.09 18.01 -18.24
C ASN C 203 27.17 17.00 -19.36
N PRO C 204 27.04 17.45 -20.62
CA PRO C 204 27.07 16.54 -21.77
C PRO C 204 28.50 16.28 -22.24
N THR C 205 29.31 15.78 -21.30
CA THR C 205 30.76 15.69 -21.49
C THR C 205 31.27 14.24 -21.27
N VAL C 206 30.34 13.26 -21.25
CA VAL C 206 30.70 11.89 -20.91
C VAL C 206 30.77 10.98 -22.13
N LEU C 207 31.91 10.31 -22.27
N LEU C 207 31.92 10.30 -22.28
CA LEU C 207 32.00 9.17 -23.16
CA LEU C 207 32.03 9.17 -23.19
C LEU C 207 31.57 7.95 -22.36
C LEU C 207 31.60 7.93 -22.43
N TRP C 208 30.42 7.38 -22.75
CA TRP C 208 29.89 6.21 -22.06
C TRP C 208 30.37 4.92 -22.69
N THR C 209 30.75 3.98 -21.84
CA THR C 209 31.03 2.61 -22.23
C THR C 209 30.16 1.74 -21.34
N VAL C 210 29.17 1.07 -21.96
CA VAL C 210 28.30 0.19 -21.20
C VAL C 210 28.65 -1.23 -21.61
N PHE C 211 29.17 -2.06 -20.69
CA PHE C 211 29.57 -3.39 -21.11
C PHE C 211 28.34 -4.18 -21.53
N ARG C 212 28.56 -5.05 -22.52
N ARG C 212 28.48 -5.02 -22.58
CA ARG C 212 27.48 -5.84 -23.10
CA ARG C 212 27.34 -5.78 -23.06
C ARG C 212 26.91 -6.84 -22.10
C ARG C 212 26.86 -6.78 -22.00
N ASN C 213 27.79 -7.44 -21.29
CA ASN C 213 27.40 -8.54 -20.42
C ASN C 213 27.22 -8.04 -19.00
N PRO C 214 26.16 -8.48 -18.30
CA PRO C 214 25.96 -8.08 -16.91
C PRO C 214 26.83 -8.93 -15.96
N VAL C 215 26.94 -8.46 -14.72
CA VAL C 215 27.45 -9.26 -13.63
C VAL C 215 26.24 -9.74 -12.82
N GLN C 216 26.46 -10.71 -11.96
CA GLN C 216 25.42 -11.15 -11.04
C GLN C 216 25.84 -10.93 -9.60
N ILE C 217 24.84 -10.56 -8.79
CA ILE C 217 24.94 -10.55 -7.34
C ILE C 217 23.75 -11.35 -6.79
N SER C 218 23.85 -11.86 -5.55
CA SER C 218 22.77 -12.71 -5.09
C SER C 218 21.56 -11.84 -4.75
N GLN C 219 20.41 -12.53 -4.57
CA GLN C 219 19.20 -11.88 -4.10
C GLN C 219 19.48 -11.20 -2.75
N GLU C 220 20.19 -11.91 -1.85
CA GLU C 220 20.50 -11.33 -0.54
C GLU C 220 21.41 -10.10 -0.69
N GLN C 221 22.39 -10.11 -1.59
CA GLN C 221 23.22 -8.91 -1.75
C GLN C 221 22.43 -7.72 -2.29
N LEU C 222 21.50 -7.98 -3.22
CA LEU C 222 20.68 -6.90 -3.79
C LEU C 222 19.74 -6.31 -2.77
N LEU C 223 19.12 -7.19 -1.95
CA LEU C 223 18.22 -6.71 -0.91
C LEU C 223 18.99 -5.88 0.11
N ALA C 224 20.20 -6.33 0.48
CA ALA C 224 21.05 -5.60 1.41
C ALA C 224 21.33 -4.20 0.86
N LEU C 225 21.66 -4.11 -0.45
CA LEU C 225 21.93 -2.80 -1.04
C LEU C 225 20.70 -1.90 -1.01
N GLU C 226 19.54 -2.46 -1.35
CA GLU C 226 18.34 -1.64 -1.43
C GLU C 226 17.82 -1.21 -0.06
N THR C 227 18.24 -1.89 1.04
CA THR C 227 17.66 -1.63 2.35
C THR C 227 18.67 -1.03 3.32
N ALA C 228 19.93 -0.82 2.92
CA ALA C 228 20.95 -0.50 3.90
C ALA C 228 20.97 0.98 4.26
N LEU C 229 20.64 1.87 3.30
CA LEU C 229 20.99 3.27 3.46
C LEU C 229 19.77 4.17 3.54
N TYR C 230 19.87 5.22 4.37
CA TYR C 230 18.96 6.34 4.30
C TYR C 230 19.58 7.45 3.42
N CYS C 231 18.71 8.31 2.88
N CYS C 231 18.75 8.34 2.85
CA CYS C 231 19.16 9.46 2.13
CA CYS C 231 19.28 9.53 2.15
C CYS C 231 19.08 10.73 2.97
C CYS C 231 19.48 10.68 3.12
N THR C 232 18.82 10.57 4.28
CA THR C 232 18.68 11.66 5.23
C THR C 232 19.80 11.59 6.28
N HIS C 233 20.06 12.74 6.95
CA HIS C 233 21.03 12.82 8.03
C HIS C 233 20.54 12.02 9.24
N MET C 234 21.49 11.70 10.10
CA MET C 234 21.21 10.92 11.27
C MET C 234 20.18 11.62 12.16
N ASP C 235 20.24 12.96 12.26
CA ASP C 235 19.36 13.63 13.21
C ASP C 235 17.96 13.87 12.65
N ASP C 236 17.66 13.37 11.44
CA ASP C 236 16.42 13.76 10.77
C ASP C 236 15.24 13.07 11.42
N PRO C 237 14.24 13.80 11.98
CA PRO C 237 13.06 13.14 12.57
C PRO C 237 12.15 12.46 11.53
N SER C 238 12.41 12.72 10.24
CA SER C 238 11.64 12.13 9.14
C SER C 238 12.56 11.40 8.16
N PRO C 239 13.13 10.25 8.58
CA PRO C 239 14.07 9.53 7.73
C PRO C 239 13.45 9.05 6.41
N ARG C 240 14.30 8.95 5.40
CA ARG C 240 13.84 8.43 4.13
C ARG C 240 14.86 7.42 3.63
N GLU C 241 14.38 6.32 3.08
CA GLU C 241 15.21 5.29 2.50
C GLU C 241 15.89 5.76 1.21
N MET C 242 17.16 5.36 0.99
CA MET C 242 17.85 5.62 -0.28
C MET C 242 17.54 4.46 -1.23
N ILE C 243 16.54 4.70 -2.09
CA ILE C 243 16.02 3.71 -3.03
C ILE C 243 15.71 4.46 -4.32
N ASN C 244 15.59 3.71 -5.43
CA ASN C 244 15.15 4.28 -6.71
C ASN C 244 16.02 5.46 -7.12
N ASN C 245 17.32 5.30 -6.89
CA ASN C 245 18.27 6.40 -7.12
C ASN C 245 18.88 6.27 -8.52
N PHE C 246 18.02 6.36 -9.54
CA PHE C 246 18.40 6.26 -10.95
C PHE C 246 17.58 7.30 -11.69
N ARG C 247 18.11 7.78 -12.81
CA ARG C 247 17.37 8.73 -13.63
C ARG C 247 16.56 7.96 -14.68
N GLN C 248 15.34 8.42 -14.99
CA GLN C 248 14.58 7.83 -16.09
C GLN C 248 15.37 7.97 -17.42
N VAL C 249 15.15 7.05 -18.36
N VAL C 249 15.10 7.08 -18.35
CA VAL C 249 15.78 7.17 -19.67
CA VAL C 249 15.71 7.12 -19.67
C VAL C 249 15.31 8.43 -20.39
C VAL C 249 15.28 8.39 -20.44
N GLN C 250 16.23 8.90 -21.23
CA GLN C 250 16.04 10.14 -21.97
C GLN C 250 15.72 9.81 -23.43
N LYS C 251 15.00 10.73 -24.09
CA LYS C 251 14.85 10.57 -25.53
C LYS C 251 16.22 10.63 -26.22
N PHE C 252 16.32 9.86 -27.30
CA PHE C 252 17.58 9.71 -28.02
C PHE C 252 17.17 9.49 -29.48
N ASP C 253 17.04 10.58 -30.22
CA ASP C 253 16.40 10.65 -31.54
C ASP C 253 17.47 10.92 -32.59
N GLU C 254 17.37 10.17 -33.69
CA GLU C 254 18.24 10.40 -34.84
C GLU C 254 19.69 10.24 -34.41
N ARG C 255 19.92 9.28 -33.49
CA ARG C 255 21.28 8.99 -33.01
C ARG C 255 21.53 7.48 -32.92
N LEU C 256 22.80 7.09 -32.96
CA LEU C 256 23.19 5.70 -32.92
C LEU C 256 23.97 5.43 -31.61
N VAL C 257 23.92 4.17 -31.22
CA VAL C 257 24.86 3.67 -30.23
C VAL C 257 25.78 2.71 -30.96
N TYR C 258 27.07 2.90 -30.78
CA TYR C 258 28.08 2.13 -31.48
C TYR C 258 28.47 0.91 -30.67
N THR C 259 28.67 -0.21 -31.35
CA THR C 259 28.98 -1.41 -30.60
C THR C 259 30.31 -2.00 -31.07
N SER C 260 31.05 -2.57 -30.12
CA SER C 260 32.33 -3.22 -30.47
C SER C 260 32.11 -4.61 -31.04
N PHE C 261 30.88 -5.09 -30.97
CA PHE C 261 30.53 -6.45 -31.39
C PHE C 261 29.55 -6.34 -32.53
N SER C 262 29.51 -7.38 -33.35
CA SER C 262 28.46 -7.33 -34.35
C SER C 262 27.34 -8.29 -33.98
N GLN C 263 27.72 -9.52 -33.64
CA GLN C 263 26.80 -10.61 -33.37
C GLN C 263 26.67 -10.81 -31.86
N LYS D 3 5.84 28.39 -24.47
CA LYS D 3 6.36 27.87 -25.76
C LYS D 3 6.82 26.43 -25.51
N TRP D 4 6.21 25.72 -24.51
CA TRP D 4 6.69 24.37 -24.20
C TRP D 4 6.66 23.51 -25.43
N THR D 5 7.59 22.56 -25.50
CA THR D 5 7.65 21.67 -26.66
C THR D 5 8.00 20.28 -26.16
N TYR D 6 8.19 19.35 -27.09
CA TYR D 6 8.67 18.02 -26.79
C TYR D 6 10.15 17.83 -27.15
N PHE D 7 10.85 18.88 -27.59
CA PHE D 7 12.21 18.68 -28.09
C PHE D 7 12.98 19.98 -27.94
N GLY D 8 14.20 19.88 -27.42
CA GLY D 8 15.06 21.06 -27.34
C GLY D 8 14.93 21.78 -26.01
N PRO D 9 15.35 23.06 -25.96
CA PRO D 9 15.44 23.78 -24.69
C PRO D 9 14.14 23.94 -23.90
N ASP D 10 12.99 23.87 -24.60
CA ASP D 10 11.69 23.98 -23.95
C ASP D 10 10.99 22.63 -23.80
N GLY D 11 11.76 21.55 -23.98
CA GLY D 11 11.26 20.19 -23.89
C GLY D 11 11.05 19.74 -22.43
N GLU D 12 10.72 18.46 -22.29
CA GLU D 12 10.07 17.96 -21.09
C GLU D 12 10.90 18.11 -19.82
N ASN D 13 12.25 18.08 -19.92
CA ASN D 13 13.03 18.25 -18.69
C ASN D 13 13.01 19.68 -18.20
N SER D 14 12.49 20.61 -19.01
CA SER D 14 12.41 22.02 -18.65
C SER D 14 10.98 22.46 -18.31
N TRP D 15 9.97 21.62 -18.48
CA TRP D 15 8.57 22.05 -18.26
C TRP D 15 8.42 22.58 -16.82
N SER D 16 9.07 21.92 -15.86
N SER D 16 9.10 21.96 -15.86
CA SER D 16 8.89 22.32 -14.47
CA SER D 16 8.92 22.32 -14.46
C SER D 16 9.33 23.76 -14.20
C SER D 16 9.46 23.70 -14.12
N LYS D 17 10.22 24.32 -15.03
CA LYS D 17 10.63 25.69 -14.82
C LYS D 17 9.48 26.69 -14.85
N LYS D 18 8.45 26.38 -15.64
CA LYS D 18 7.29 27.24 -15.83
C LYS D 18 6.05 26.65 -15.20
N TYR D 19 6.00 25.32 -15.04
CA TYR D 19 4.79 24.61 -14.67
C TYR D 19 5.17 23.72 -13.50
N PRO D 20 5.03 24.20 -12.26
CA PRO D 20 5.61 23.48 -11.13
C PRO D 20 5.07 22.07 -10.94
N SER D 21 3.81 21.80 -11.32
CA SER D 21 3.32 20.45 -11.10
C SER D 21 4.07 19.43 -11.97
N CYS D 22 4.69 19.87 -13.06
CA CYS D 22 5.43 18.91 -13.88
C CYS D 22 6.64 18.35 -13.14
N GLY D 23 7.06 19.00 -12.02
CA GLY D 23 8.07 18.47 -11.14
C GLY D 23 7.53 17.99 -9.80
N GLY D 24 6.22 17.80 -9.72
CA GLY D 24 5.60 17.35 -8.47
C GLY D 24 5.38 15.84 -8.50
N LEU D 25 4.52 15.41 -7.60
CA LEU D 25 4.26 14.00 -7.47
C LEU D 25 3.14 13.54 -8.43
N LEU D 26 3.02 12.22 -8.53
CA LEU D 26 1.92 11.52 -9.20
C LEU D 26 1.85 11.86 -10.69
N GLN D 27 3.02 11.88 -11.34
CA GLN D 27 3.06 12.22 -12.76
C GLN D 27 2.85 11.02 -13.66
N SER D 28 2.32 11.34 -14.84
CA SER D 28 2.06 10.36 -15.91
C SER D 28 2.89 10.72 -17.13
N PRO D 29 3.14 9.81 -18.08
CA PRO D 29 2.70 8.42 -18.05
C PRO D 29 3.66 7.57 -17.23
N ILE D 30 3.39 6.27 -17.23
CA ILE D 30 4.17 5.28 -16.49
CA ILE D 30 4.19 5.29 -16.49
C ILE D 30 4.35 4.03 -17.33
N ASP D 31 5.34 3.22 -16.91
CA ASP D 31 5.52 1.89 -17.49
C ASP D 31 4.70 0.87 -16.70
N LEU D 32 3.94 0.07 -17.43
CA LEU D 32 3.07 -0.94 -16.81
C LEU D 32 3.85 -2.24 -16.80
N HIS D 33 4.34 -2.70 -15.63
CA HIS D 33 5.10 -3.94 -15.57
C HIS D 33 4.70 -4.69 -14.32
N SER D 34 5.00 -6.01 -14.32
CA SER D 34 4.40 -6.92 -13.35
C SER D 34 4.57 -6.48 -11.91
N ASP D 35 5.77 -6.02 -11.52
CA ASP D 35 6.06 -5.82 -10.10
C ASP D 35 5.16 -4.77 -9.47
N ILE D 36 4.57 -3.86 -10.29
CA ILE D 36 3.76 -2.79 -9.71
C ILE D 36 2.28 -2.96 -10.01
N LEU D 37 1.89 -4.13 -10.53
CA LEU D 37 0.47 -4.36 -10.80
C LEU D 37 -0.17 -5.12 -9.65
N GLN D 38 -1.43 -4.77 -9.39
N GLN D 38 -1.43 -4.77 -9.34
CA GLN D 38 -2.15 -5.55 -8.40
CA GLN D 38 -2.13 -5.52 -8.31
C GLN D 38 -3.62 -5.65 -8.80
C GLN D 38 -3.60 -5.63 -8.66
N TYR D 39 -4.14 -6.86 -8.72
CA TYR D 39 -5.55 -7.07 -9.01
C TYR D 39 -6.43 -6.41 -7.94
N ASP D 40 -7.49 -5.74 -8.39
CA ASP D 40 -8.44 -5.12 -7.47
C ASP D 40 -9.85 -5.44 -7.96
N ALA D 41 -10.56 -6.27 -7.13
CA ALA D 41 -11.91 -6.67 -7.51
C ALA D 41 -12.91 -5.51 -7.50
N SER D 42 -12.53 -4.33 -6.96
N SER D 42 -12.53 -4.32 -6.96
CA SER D 42 -13.43 -3.20 -6.99
CA SER D 42 -13.38 -3.13 -7.04
C SER D 42 -13.46 -2.53 -8.36
C SER D 42 -13.61 -2.69 -8.48
N LEU D 43 -12.63 -2.98 -9.31
CA LEU D 43 -12.56 -2.34 -10.62
C LEU D 43 -13.56 -3.00 -11.55
N THR D 44 -14.80 -2.53 -11.47
CA THR D 44 -15.93 -3.08 -12.22
C THR D 44 -15.98 -2.41 -13.60
N PRO D 45 -16.80 -2.92 -14.55
CA PRO D 45 -16.75 -2.42 -15.92
C PRO D 45 -17.26 -0.99 -16.05
N LEU D 46 -16.59 -0.19 -16.87
CA LEU D 46 -17.11 1.13 -17.16
C LEU D 46 -18.21 1.03 -18.20
N GLU D 47 -19.09 2.02 -18.16
CA GLU D 47 -20.09 2.14 -19.21
C GLU D 47 -19.84 3.44 -19.96
N PHE D 48 -19.88 3.35 -21.28
CA PHE D 48 -19.61 4.46 -22.16
C PHE D 48 -20.95 4.94 -22.69
N GLN D 49 -21.42 6.10 -22.22
CA GLN D 49 -22.75 6.57 -22.47
C GLN D 49 -22.72 7.75 -23.43
N GLY D 50 -23.59 7.76 -24.45
CA GLY D 50 -23.66 8.89 -25.36
C GLY D 50 -22.43 8.95 -26.29
N TYR D 51 -21.72 7.83 -26.46
CA TYR D 51 -20.56 7.80 -27.36
C TYR D 51 -20.96 7.67 -28.83
N ASN D 52 -22.21 7.31 -29.09
CA ASN D 52 -22.62 7.14 -30.46
C ASN D 52 -23.07 8.49 -31.02
N LEU D 53 -22.13 9.26 -31.55
CA LEU D 53 -22.45 10.62 -31.99
C LEU D 53 -23.14 10.56 -33.35
N SER D 54 -24.14 11.42 -33.53
CA SER D 54 -24.87 11.41 -34.79
C SER D 54 -24.01 11.83 -35.99
N ALA D 55 -24.10 11.06 -37.08
CA ALA D 55 -23.40 11.39 -38.30
C ALA D 55 -23.89 12.68 -38.98
N ASN D 56 -25.07 13.17 -38.55
CA ASN D 56 -25.61 14.44 -39.06
C ASN D 56 -25.17 15.63 -38.21
N LYS D 57 -24.46 15.39 -37.11
CA LYS D 57 -23.88 16.46 -36.33
C LYS D 57 -22.38 16.54 -36.65
N GLN D 58 -21.76 17.65 -36.28
CA GLN D 58 -20.34 17.78 -36.54
C GLN D 58 -19.62 18.26 -35.30
N PHE D 59 -18.33 17.92 -35.25
CA PHE D 59 -17.49 18.10 -34.08
C PHE D 59 -16.20 18.74 -34.51
N LEU D 60 -15.75 19.70 -33.74
CA LEU D 60 -14.60 20.54 -34.13
C LEU D 60 -13.27 19.87 -33.86
N LEU D 61 -12.48 19.71 -34.91
CA LEU D 61 -11.09 19.28 -34.83
C LEU D 61 -10.21 20.53 -34.87
N THR D 62 -9.25 20.65 -33.93
CA THR D 62 -8.46 21.87 -33.87
C THR D 62 -7.00 21.52 -33.64
N ASN D 63 -6.09 22.20 -34.31
CA ASN D 63 -4.67 22.16 -34.03
C ASN D 63 -4.33 23.35 -33.14
N ASN D 64 -3.99 23.13 -31.85
CA ASN D 64 -3.67 24.24 -30.95
C ASN D 64 -2.17 24.46 -30.83
N GLY D 65 -1.37 23.82 -31.69
CA GLY D 65 0.07 24.01 -31.66
C GLY D 65 0.79 22.94 -30.84
N HIS D 66 0.09 22.36 -29.87
CA HIS D 66 0.66 21.33 -29.03
C HIS D 66 0.05 19.97 -29.37
N SER D 67 -1.20 20.00 -29.85
CA SER D 67 -2.00 18.80 -30.07
C SER D 67 -3.03 19.11 -31.13
N VAL D 68 -3.48 18.06 -31.81
N VAL D 68 -3.54 18.04 -31.74
CA VAL D 68 -4.74 18.13 -32.54
CA VAL D 68 -4.74 18.12 -32.55
C VAL D 68 -5.79 17.39 -31.71
C VAL D 68 -5.84 17.36 -31.82
N LYS D 69 -6.88 18.09 -31.42
CA LYS D 69 -7.89 17.50 -30.56
C LYS D 69 -9.24 17.60 -31.27
N LEU D 70 -10.08 16.60 -30.97
CA LEU D 70 -11.47 16.59 -31.42
C LEU D 70 -12.36 16.93 -30.23
N ASN D 71 -13.14 18.01 -30.33
CA ASN D 71 -14.04 18.36 -29.24
C ASN D 71 -15.19 17.37 -29.16
N LEU D 72 -15.58 17.05 -27.94
CA LEU D 72 -16.64 16.08 -27.68
C LEU D 72 -17.72 16.77 -26.86
N PRO D 73 -18.97 16.29 -26.98
CA PRO D 73 -20.07 16.91 -26.23
C PRO D 73 -20.16 16.42 -24.79
N SER D 74 -20.56 17.29 -23.86
CA SER D 74 -20.61 16.90 -22.45
C SER D 74 -21.70 15.85 -22.20
N ASP D 75 -22.63 15.61 -23.14
CA ASP D 75 -23.61 14.53 -22.97
C ASP D 75 -22.96 13.16 -23.02
N MET D 76 -21.80 13.07 -23.62
CA MET D 76 -21.02 11.84 -23.63
C MET D 76 -20.36 11.66 -22.25
N HIS D 77 -20.53 10.50 -21.59
CA HIS D 77 -20.18 10.31 -20.18
CA HIS D 77 -19.90 10.37 -20.31
C HIS D 77 -19.58 8.93 -19.98
N ILE D 78 -18.68 8.79 -19.03
N ILE D 78 -18.79 8.81 -18.89
CA ILE D 78 -18.48 7.45 -18.52
CA ILE D 78 -18.29 7.58 -18.25
C ILE D 78 -19.27 7.36 -17.22
C ILE D 78 -19.11 7.32 -17.00
N GLN D 79 -19.72 6.14 -16.94
CA GLN D 79 -20.29 5.74 -15.67
C GLN D 79 -19.47 4.60 -15.08
N GLY D 80 -19.38 4.54 -13.75
CA GLY D 80 -18.71 3.46 -13.07
C GLY D 80 -17.64 3.95 -12.10
N LEU D 81 -17.23 5.21 -12.26
CA LEU D 81 -16.26 5.78 -11.33
C LEU D 81 -16.97 6.34 -10.10
N GLN D 82 -16.28 7.09 -9.23
CA GLN D 82 -16.91 7.57 -8.00
C GLN D 82 -17.84 8.73 -8.30
N SER D 83 -17.76 9.33 -9.48
CA SER D 83 -18.52 10.49 -9.93
C SER D 83 -18.77 10.27 -11.41
N ARG D 84 -19.75 10.97 -11.96
CA ARG D 84 -19.94 10.96 -13.43
C ARG D 84 -18.85 11.86 -14.02
N TYR D 85 -18.19 11.39 -15.07
CA TYR D 85 -17.20 12.15 -15.82
C TYR D 85 -17.76 12.35 -17.22
N SER D 86 -17.77 13.61 -17.69
CA SER D 86 -18.31 13.97 -19.01
C SER D 86 -17.16 14.25 -19.98
N ALA D 87 -17.33 13.81 -21.22
CA ALA D 87 -16.25 14.01 -22.19
C ALA D 87 -16.03 15.48 -22.52
N THR D 88 -14.77 15.78 -22.86
CA THR D 88 -14.42 17.12 -23.36
C THR D 88 -13.68 17.06 -24.71
N GLN D 89 -12.74 16.13 -24.89
CA GLN D 89 -11.99 16.07 -26.15
C GLN D 89 -11.26 14.75 -26.21
N LEU D 90 -10.84 14.38 -27.44
CA LEU D 90 -9.87 13.31 -27.61
C LEU D 90 -8.70 13.80 -28.46
N HIS D 91 -7.57 13.09 -28.33
CA HIS D 91 -6.37 13.44 -29.07
C HIS D 91 -5.46 12.22 -29.05
N LEU D 92 -4.36 12.31 -29.82
CA LEU D 92 -3.41 11.20 -29.91
C LEU D 92 -1.97 11.66 -29.63
N HIS D 93 -1.12 10.66 -29.42
CA HIS D 93 0.33 10.85 -29.27
C HIS D 93 0.99 9.88 -30.20
N TRP D 94 2.13 10.29 -30.81
CA TRP D 94 2.80 9.44 -31.78
C TRP D 94 4.29 9.81 -31.86
N GLY D 95 5.01 9.01 -32.66
CA GLY D 95 6.45 9.15 -32.79
C GLY D 95 6.74 9.89 -34.10
N ASN D 96 7.53 9.26 -34.99
CA ASN D 96 7.90 9.91 -36.23
C ASN D 96 8.17 8.80 -37.25
N PRO D 97 8.33 9.15 -38.56
CA PRO D 97 8.47 8.10 -39.57
C PRO D 97 9.65 7.15 -39.27
N ASN D 98 10.76 7.65 -38.69
CA ASN D 98 11.93 6.81 -38.44
C ASN D 98 11.84 6.08 -37.09
N ASP D 99 10.85 6.39 -36.27
CA ASP D 99 10.65 5.73 -34.99
C ASP D 99 9.15 5.74 -34.67
N PRO D 100 8.37 4.81 -35.26
CA PRO D 100 6.92 4.85 -35.05
C PRO D 100 6.57 4.13 -33.75
N HIS D 101 7.05 4.70 -32.64
CA HIS D 101 6.94 4.08 -31.30
C HIS D 101 6.70 5.19 -30.27
N GLY D 102 5.54 5.87 -30.39
CA GLY D 102 5.29 7.09 -29.65
C GLY D 102 4.10 6.97 -28.70
N SER D 103 3.75 5.78 -28.20
CA SER D 103 2.78 5.77 -27.09
C SER D 103 3.42 6.47 -25.89
N GLU D 104 2.56 6.93 -24.99
CA GLU D 104 3.00 7.51 -23.72
C GLU D 104 3.22 6.42 -22.67
N HIS D 105 2.16 5.68 -22.38
CA HIS D 105 2.33 4.51 -21.53
C HIS D 105 3.10 3.43 -22.27
N THR D 106 3.93 2.71 -21.51
CA THR D 106 4.68 1.58 -22.06
C THR D 106 4.27 0.31 -21.29
N VAL D 107 4.41 -0.85 -21.91
CA VAL D 107 3.98 -2.09 -21.27
C VAL D 107 5.24 -2.93 -21.24
N SER D 108 5.63 -3.33 -20.04
CA SER D 108 6.82 -4.16 -19.88
C SER D 108 8.02 -3.53 -20.63
N GLY D 109 8.12 -2.20 -20.55
CA GLY D 109 9.19 -1.35 -21.08
C GLY D 109 9.09 -1.06 -22.60
N GLN D 110 7.98 -1.44 -23.26
N GLN D 110 8.08 -1.52 -23.33
CA GLN D 110 7.81 -1.38 -24.71
CA GLN D 110 8.12 -1.17 -24.75
C GLN D 110 6.81 -0.27 -25.10
C GLN D 110 6.97 -0.21 -25.04
N HIS D 111 7.20 0.65 -26.02
CA HIS D 111 6.24 1.57 -26.57
C HIS D 111 5.41 0.92 -27.65
N PHE D 112 4.14 1.25 -27.65
CA PHE D 112 3.27 1.04 -28.80
C PHE D 112 3.50 2.11 -29.82
N ALA D 113 2.90 1.97 -31.01
CA ALA D 113 3.09 2.91 -32.09
C ALA D 113 2.55 4.28 -31.69
N ALA D 114 1.36 4.30 -31.06
CA ALA D 114 0.69 5.58 -30.78
C ALA D 114 -0.25 5.30 -29.60
N GLU D 115 -0.97 6.36 -29.18
CA GLU D 115 -1.91 6.21 -28.08
C GLU D 115 -3.00 7.25 -28.26
N LEU D 116 -4.24 6.83 -28.02
CA LEU D 116 -5.41 7.70 -28.01
C LEU D 116 -5.82 7.99 -26.59
N HIS D 117 -6.12 9.28 -26.31
CA HIS D 117 -6.65 9.71 -25.02
C HIS D 117 -8.01 10.35 -25.22
N ILE D 118 -8.98 9.87 -24.42
CA ILE D 118 -10.32 10.48 -24.39
C ILE D 118 -10.45 11.15 -23.01
N VAL D 119 -10.40 12.49 -23.02
CA VAL D 119 -10.37 13.26 -21.78
C VAL D 119 -11.79 13.59 -21.32
N HIS D 120 -12.04 13.34 -20.04
CA HIS D 120 -13.31 13.64 -19.38
C HIS D 120 -13.06 14.44 -18.12
N TYR D 121 -14.10 15.19 -17.69
CA TYR D 121 -13.98 16.01 -16.48
C TYR D 121 -15.13 15.64 -15.53
N ASN D 122 -14.90 15.91 -14.24
CA ASN D 122 -15.86 15.55 -13.19
C ASN D 122 -17.00 16.58 -13.18
N SER D 123 -18.07 16.25 -13.89
CA SER D 123 -19.19 17.16 -14.06
C SER D 123 -20.14 17.15 -12.85
N ASP D 124 -19.94 16.19 -11.92
CA ASP D 124 -20.66 16.24 -10.65
C ASP D 124 -20.13 17.38 -9.80
N LEU D 125 -18.85 17.73 -9.94
CA LEU D 125 -18.21 18.72 -9.08
C LEU D 125 -18.00 20.05 -9.79
N TYR D 126 -17.74 20.03 -11.11
CA TYR D 126 -17.16 21.16 -11.78
C TYR D 126 -17.96 21.50 -13.02
N PRO D 127 -17.99 22.81 -13.41
CA PRO D 127 -18.88 23.20 -14.49
C PRO D 127 -18.29 22.98 -15.88
N ASP D 128 -16.97 22.77 -15.97
CA ASP D 128 -16.32 22.65 -17.27
C ASP D 128 -14.93 22.04 -16.99
N ALA D 129 -14.27 21.58 -18.06
CA ALA D 129 -13.00 20.89 -17.97
C ALA D 129 -11.87 21.77 -17.48
N SER D 130 -11.83 23.02 -17.96
N SER D 130 -11.85 23.01 -17.97
CA SER D 130 -10.75 23.91 -17.52
CA SER D 130 -10.82 23.96 -17.54
C SER D 130 -10.82 24.15 -16.01
C SER D 130 -10.84 24.12 -16.03
N THR D 131 -12.04 24.37 -15.48
CA THR D 131 -12.18 24.56 -14.05
C THR D 131 -11.80 23.30 -13.28
N ALA D 132 -12.15 22.13 -13.83
CA ALA D 132 -11.87 20.87 -13.17
C ALA D 132 -10.38 20.56 -13.15
N SER D 133 -9.61 21.09 -14.10
CA SER D 133 -8.32 20.48 -14.41
C SER D 133 -7.32 20.62 -13.26
N ASN D 134 -7.45 21.66 -12.42
CA ASN D 134 -6.49 21.82 -11.35
C ASN D 134 -7.08 21.51 -10.00
N LYS D 135 -8.18 20.77 -9.97
CA LYS D 135 -8.92 20.55 -8.74
C LYS D 135 -9.05 19.07 -8.48
N SER D 136 -9.32 18.77 -7.21
CA SER D 136 -9.41 17.40 -6.73
C SER D 136 -10.41 16.60 -7.55
N GLU D 137 -9.99 15.41 -7.96
CA GLU D 137 -10.81 14.45 -8.69
C GLU D 137 -11.30 15.08 -10.01
N GLY D 138 -10.55 16.02 -10.57
CA GLY D 138 -11.12 16.79 -11.67
C GLY D 138 -11.26 16.02 -12.99
N LEU D 139 -10.34 15.10 -13.30
CA LEU D 139 -10.28 14.58 -14.68
C LEU D 139 -10.20 13.05 -14.66
N ALA D 140 -10.66 12.44 -15.77
CA ALA D 140 -10.49 11.00 -16.00
C ALA D 140 -10.19 10.86 -17.48
N VAL D 141 -9.12 10.12 -17.78
CA VAL D 141 -8.72 9.94 -19.17
C VAL D 141 -8.76 8.45 -19.46
N LEU D 142 -9.35 8.10 -20.62
CA LEU D 142 -9.29 6.74 -21.13
C LEU D 142 -8.13 6.68 -22.12
N ALA D 143 -7.27 5.65 -22.00
CA ALA D 143 -6.13 5.53 -22.90
C ALA D 143 -6.26 4.20 -23.67
N VAL D 144 -6.11 4.30 -25.00
CA VAL D 144 -6.07 3.14 -25.90
C VAL D 144 -4.67 3.09 -26.50
N LEU D 145 -3.99 1.96 -26.30
CA LEU D 145 -2.70 1.72 -26.95
C LEU D 145 -2.94 1.33 -28.40
N ILE D 146 -2.11 1.84 -29.32
CA ILE D 146 -2.28 1.63 -30.74
C ILE D 146 -1.04 0.98 -31.29
N GLU D 147 -1.26 -0.16 -31.94
N GLU D 147 -1.28 -0.15 -31.97
CA GLU D 147 -0.14 -0.91 -32.58
CA GLU D 147 -0.23 -0.97 -32.60
C GLU D 147 -0.25 -0.82 -34.10
C GLU D 147 -0.27 -0.79 -34.11
N MET D 148 0.90 -0.84 -34.76
CA MET D 148 0.92 -0.88 -36.22
C MET D 148 0.35 -2.22 -36.64
N GLY D 149 -0.66 -2.18 -37.49
CA GLY D 149 -1.35 -3.38 -37.92
C GLY D 149 -2.24 -3.12 -39.13
N SER D 150 -3.51 -3.57 -39.03
CA SER D 150 -4.46 -3.39 -40.13
C SER D 150 -4.98 -1.96 -40.15
N PHE D 151 -5.37 -1.54 -41.35
CA PHE D 151 -6.10 -0.31 -41.55
C PHE D 151 -7.34 -0.30 -40.68
N ASN D 152 -7.57 0.88 -40.07
CA ASN D 152 -8.68 1.02 -39.14
C ASN D 152 -9.64 2.07 -39.65
N PRO D 153 -10.76 1.65 -40.29
N PRO D 153 -10.83 1.68 -40.13
CA PRO D 153 -11.76 2.61 -40.80
CA PRO D 153 -11.67 2.68 -40.80
C PRO D 153 -12.35 3.59 -39.79
C PRO D 153 -12.21 3.66 -39.77
N SER D 154 -12.38 3.21 -38.52
CA SER D 154 -12.96 4.09 -37.52
C SER D 154 -11.99 5.20 -37.16
N TYR D 155 -10.70 4.87 -36.93
CA TYR D 155 -9.71 5.93 -36.71
C TYR D 155 -9.57 6.81 -37.94
N ASP D 156 -9.77 6.23 -39.15
CA ASP D 156 -9.67 7.05 -40.34
C ASP D 156 -10.74 8.13 -40.42
N LYS D 157 -11.86 7.98 -39.68
CA LYS D 157 -12.86 9.05 -39.64
C LYS D 157 -12.27 10.32 -39.03
N ILE D 158 -11.21 10.19 -38.19
CA ILE D 158 -10.46 11.36 -37.74
C ILE D 158 -9.34 11.67 -38.72
N PHE D 159 -8.57 10.65 -39.08
CA PHE D 159 -7.32 10.91 -39.79
C PHE D 159 -7.57 11.52 -41.17
N SER D 160 -8.72 11.26 -41.81
CA SER D 160 -8.95 11.82 -43.14
C SER D 160 -9.06 13.33 -43.12
N HIS D 161 -9.20 13.95 -41.95
CA HIS D 161 -9.36 15.40 -41.86
C HIS D 161 -8.04 16.08 -41.53
N LEU D 162 -6.95 15.33 -41.31
CA LEU D 162 -5.72 15.96 -40.80
C LEU D 162 -5.13 17.00 -41.73
N GLN D 163 -5.37 16.86 -43.02
CA GLN D 163 -4.76 17.79 -43.95
C GLN D 163 -5.49 19.13 -43.91
N HIS D 164 -6.60 19.26 -43.17
CA HIS D 164 -7.25 20.55 -42.99
C HIS D 164 -6.97 21.21 -41.65
N VAL D 165 -6.11 20.58 -40.81
CA VAL D 165 -5.70 21.16 -39.55
C VAL D 165 -4.18 21.09 -39.41
N LYS D 166 -3.52 21.33 -40.53
N LYS D 166 -3.47 21.24 -40.53
CA LYS D 166 -2.10 21.09 -40.62
CA LYS D 166 -2.04 21.03 -40.52
C LYS D 166 -1.30 22.05 -39.72
C LYS D 166 -1.33 22.02 -39.59
N TYR D 167 -1.77 23.29 -39.53
CA TYR D 167 -1.00 24.28 -38.79
C TYR D 167 -1.74 24.78 -37.56
N LYS D 168 -0.97 25.29 -36.61
CA LYS D 168 -1.52 25.86 -35.38
C LYS D 168 -2.62 26.86 -35.71
N GLY D 169 -3.78 26.71 -35.03
CA GLY D 169 -4.90 27.64 -35.20
C GLY D 169 -5.95 27.17 -36.21
N GLN D 170 -5.59 26.16 -37.01
CA GLN D 170 -6.51 25.63 -38.01
C GLN D 170 -7.53 24.67 -37.39
N GLU D 171 -8.72 24.67 -37.99
CA GLU D 171 -9.89 23.96 -37.50
C GLU D 171 -10.62 23.32 -38.67
N ALA D 172 -11.29 22.20 -38.40
CA ALA D 172 -12.12 21.52 -39.40
C ALA D 172 -13.24 20.82 -38.67
N PHE D 173 -14.32 20.53 -39.35
CA PHE D 173 -15.40 19.76 -38.74
C PHE D 173 -15.32 18.29 -39.16
N VAL D 174 -15.61 17.42 -38.19
CA VAL D 174 -15.67 15.97 -38.39
C VAL D 174 -17.11 15.54 -38.12
N PRO D 175 -17.78 14.83 -39.06
CA PRO D 175 -19.10 14.29 -38.78
C PRO D 175 -19.04 13.36 -37.59
N GLY D 176 -20.14 13.30 -36.83
CA GLY D 176 -20.17 12.35 -35.71
C GLY D 176 -20.04 10.89 -36.15
N PHE D 177 -19.49 10.08 -35.26
CA PHE D 177 -19.47 8.65 -35.46
C PHE D 177 -19.44 8.06 -34.05
N ASN D 178 -19.56 6.73 -33.97
CA ASN D 178 -19.60 6.06 -32.67
C ASN D 178 -18.17 5.95 -32.13
N ILE D 179 -17.88 6.79 -31.15
CA ILE D 179 -16.55 6.84 -30.55
C ILE D 179 -16.17 5.52 -29.89
N GLU D 180 -17.15 4.70 -29.52
N GLU D 180 -17.15 4.69 -29.47
CA GLU D 180 -16.80 3.42 -28.95
CA GLU D 180 -16.83 3.36 -28.95
C GLU D 180 -16.09 2.51 -29.97
C GLU D 180 -16.04 2.54 -29.97
N GLU D 181 -16.20 2.83 -31.27
CA GLU D 181 -15.44 2.10 -32.28
C GLU D 181 -13.92 2.30 -32.17
N LEU D 182 -13.48 3.34 -31.44
CA LEU D 182 -12.06 3.55 -31.20
C LEU D 182 -11.53 2.71 -30.05
N LEU D 183 -12.41 2.12 -29.24
CA LEU D 183 -11.99 1.35 -28.09
C LEU D 183 -11.65 -0.08 -28.50
N PRO D 184 -10.79 -0.75 -27.73
CA PRO D 184 -10.38 -2.12 -28.03
C PRO D 184 -11.36 -3.15 -27.56
N GLU D 185 -11.02 -4.41 -27.87
N GLU D 185 -11.00 -4.43 -27.86
CA GLU D 185 -11.82 -5.49 -27.31
CA GLU D 185 -11.69 -5.60 -27.35
C GLU D 185 -11.66 -5.53 -25.80
C GLU D 185 -11.59 -5.66 -25.81
N ARG D 186 -12.71 -6.08 -25.16
CA ARG D 186 -12.70 -6.46 -23.74
C ARG D 186 -12.34 -5.24 -22.90
N THR D 187 -13.13 -4.19 -23.06
CA THR D 187 -12.87 -3.00 -22.26
C THR D 187 -13.02 -3.22 -20.75
N ALA D 188 -13.63 -4.33 -20.30
CA ALA D 188 -13.69 -4.60 -18.88
C ALA D 188 -12.30 -4.87 -18.30
N GLU D 189 -11.33 -5.19 -19.18
CA GLU D 189 -9.97 -5.45 -18.72
C GLU D 189 -9.14 -4.19 -18.91
N TYR D 190 -8.65 -3.65 -17.77
CA TYR D 190 -7.93 -2.36 -17.83
C TYR D 190 -7.04 -2.24 -16.61
N TYR D 191 -6.10 -1.29 -16.78
CA TYR D 191 -5.23 -0.79 -15.72
C TYR D 191 -5.79 0.54 -15.22
N ARG D 192 -5.72 0.78 -13.90
CA ARG D 192 -6.23 2.02 -13.32
C ARG D 192 -5.18 2.53 -12.35
N TYR D 193 -4.88 3.86 -12.45
CA TYR D 193 -3.98 4.44 -11.46
C TYR D 193 -4.25 5.93 -11.37
N ARG D 194 -3.71 6.53 -10.30
CA ARG D 194 -3.85 7.98 -10.09
C ARG D 194 -2.62 8.69 -10.65
N GLY D 195 -2.86 9.64 -11.56
CA GLY D 195 -1.73 10.36 -12.16
C GLY D 195 -2.12 11.76 -12.56
N SER D 196 -1.53 12.18 -13.68
CA SER D 196 -1.51 13.58 -14.02
C SER D 196 -1.81 13.76 -15.53
N LEU D 197 -1.98 15.03 -15.90
CA LEU D 197 -1.86 15.39 -17.32
C LEU D 197 -0.44 15.07 -17.74
N THR D 198 -0.27 14.63 -19.00
CA THR D 198 1.07 14.33 -19.52
C THR D 198 1.68 15.49 -20.29
N THR D 199 1.01 16.64 -20.27
CA THR D 199 1.52 17.88 -20.81
C THR D 199 1.40 18.93 -19.71
N PRO D 200 2.13 20.06 -19.83
CA PRO D 200 1.87 21.18 -18.96
C PRO D 200 0.39 21.49 -18.97
N PRO D 201 -0.20 21.89 -17.82
CA PRO D 201 0.52 22.14 -16.56
C PRO D 201 0.76 20.92 -15.68
N CYS D 202 0.51 19.68 -16.19
CA CYS D 202 0.89 18.45 -15.49
C CYS D 202 0.12 18.26 -14.18
N ASN D 203 -1.08 18.80 -14.07
N ASN D 203 -1.11 18.80 -14.10
CA ASN D 203 -1.76 18.75 -12.79
CA ASN D 203 -1.90 18.73 -12.88
C ASN D 203 -2.08 17.30 -12.42
C ASN D 203 -2.04 17.26 -12.44
N PRO D 204 -1.82 16.93 -11.14
CA PRO D 204 -1.99 15.54 -10.68
C PRO D 204 -3.46 15.27 -10.31
N THR D 205 -4.34 15.40 -11.30
CA THR D 205 -5.79 15.43 -11.09
C THR D 205 -6.47 14.39 -11.96
N VAL D 206 -5.71 13.43 -12.53
CA VAL D 206 -6.26 12.53 -13.53
C VAL D 206 -6.36 11.09 -12.97
N LEU D 207 -7.57 10.53 -13.06
CA LEU D 207 -7.75 9.10 -12.87
C LEU D 207 -7.58 8.42 -14.22
N TRP D 208 -6.48 7.65 -14.36
CA TRP D 208 -6.19 7.02 -15.64
C TRP D 208 -6.80 5.64 -15.72
N THR D 209 -7.35 5.32 -16.89
CA THR D 209 -7.77 3.96 -17.24
C THR D 209 -7.08 3.65 -18.57
N VAL D 210 -6.20 2.66 -18.55
CA VAL D 210 -5.50 2.24 -19.78
C VAL D 210 -6.05 0.85 -20.12
N PHE D 211 -6.68 0.70 -21.30
CA PHE D 211 -7.25 -0.61 -21.57
C PHE D 211 -6.12 -1.64 -21.77
N ARG D 212 -6.41 -2.88 -21.40
CA ARG D 212 -5.40 -3.93 -21.51
C ARG D 212 -5.05 -4.22 -22.97
N ASN D 213 -6.05 -4.22 -23.85
CA ASN D 213 -5.83 -4.62 -25.22
C ASN D 213 -5.64 -3.42 -26.14
N PRO D 214 -4.67 -3.51 -27.09
CA PRO D 214 -4.49 -2.43 -28.04
C PRO D 214 -5.50 -2.51 -29.19
N VAL D 215 -5.57 -1.46 -30.00
CA VAL D 215 -6.18 -1.50 -31.31
C VAL D 215 -5.03 -1.41 -32.31
N GLN D 216 -5.38 -1.60 -33.61
CA GLN D 216 -4.40 -1.47 -34.70
C GLN D 216 -4.82 -0.34 -35.65
N ILE D 217 -3.84 0.38 -36.19
CA ILE D 217 -3.99 1.24 -37.36
C ILE D 217 -2.85 0.87 -38.30
N SER D 218 -2.99 1.21 -39.59
CA SER D 218 -1.97 0.76 -40.54
C SER D 218 -0.71 1.61 -40.51
N GLN D 219 0.35 1.08 -41.09
CA GLN D 219 1.56 1.83 -41.32
C GLN D 219 1.26 3.10 -42.09
N GLU D 220 0.38 3.00 -43.10
CA GLU D 220 0.08 4.19 -43.91
C GLU D 220 -0.66 5.23 -43.07
N GLN D 221 -1.57 4.77 -42.18
CA GLN D 221 -2.26 5.73 -41.30
C GLN D 221 -1.26 6.39 -40.36
N LEU D 222 -0.32 5.59 -39.80
CA LEU D 222 0.69 6.15 -38.92
C LEU D 222 1.59 7.15 -39.66
N LEU D 223 1.98 6.81 -40.89
CA LEU D 223 2.88 7.69 -41.61
C LEU D 223 2.15 9.00 -41.86
N ALA D 224 0.87 8.93 -42.24
CA ALA D 224 0.09 10.14 -42.50
C ALA D 224 0.01 10.98 -41.23
N LEU D 225 -0.30 10.32 -40.11
CA LEU D 225 -0.37 11.02 -38.84
C LEU D 225 0.96 11.71 -38.45
N GLU D 226 2.08 11.02 -38.73
CA GLU D 226 3.42 11.46 -38.35
C GLU D 226 3.96 12.53 -39.29
N THR D 227 3.31 12.78 -40.42
CA THR D 227 3.80 13.77 -41.38
C THR D 227 2.79 14.86 -41.71
N ALA D 228 1.57 14.80 -41.16
CA ALA D 228 0.50 15.74 -41.55
C ALA D 228 0.56 17.09 -40.82
N LEU D 229 1.17 17.14 -39.63
CA LEU D 229 0.85 18.23 -38.73
C LEU D 229 2.11 19.00 -38.30
N TYR D 230 1.88 20.27 -37.96
CA TYR D 230 2.90 21.19 -37.47
C TYR D 230 2.44 21.80 -36.16
N CYS D 231 3.41 22.14 -35.31
CA CYS D 231 3.18 22.86 -34.07
C CYS D 231 3.04 24.36 -34.28
N THR D 232 3.50 24.83 -35.43
CA THR D 232 3.67 26.25 -35.70
C THR D 232 2.54 26.78 -36.58
N HIS D 233 2.33 28.11 -36.50
CA HIS D 233 1.44 28.76 -37.43
C HIS D 233 1.97 28.61 -38.85
N MET D 234 1.05 28.69 -39.80
CA MET D 234 1.42 28.55 -41.19
C MET D 234 2.52 29.53 -41.62
N ASP D 235 2.52 30.76 -41.10
CA ASP D 235 3.47 31.78 -41.50
C ASP D 235 4.76 31.83 -40.66
N ASP D 236 4.99 30.84 -39.79
CA ASP D 236 6.15 30.91 -38.92
C ASP D 236 7.41 30.64 -39.74
N PRO D 237 8.45 31.50 -39.67
CA PRO D 237 9.68 31.28 -40.42
C PRO D 237 10.54 30.13 -39.90
N SER D 238 10.16 29.59 -38.72
N SER D 238 10.17 29.57 -38.72
CA SER D 238 10.83 28.48 -38.09
CA SER D 238 10.86 28.47 -38.07
C SER D 238 9.80 27.38 -37.88
C SER D 238 9.89 27.31 -37.86
N PRO D 239 9.38 26.64 -38.93
CA PRO D 239 8.35 25.61 -38.74
C PRO D 239 8.86 24.46 -37.89
N ARG D 240 7.95 23.87 -37.13
CA ARG D 240 8.28 22.70 -36.34
C ARG D 240 7.20 21.63 -36.56
N GLU D 241 7.61 20.45 -36.98
CA GLU D 241 6.67 19.35 -37.17
CA GLU D 241 6.75 19.29 -37.18
C GLU D 241 6.16 18.82 -35.86
N MET D 242 4.88 18.42 -35.87
CA MET D 242 4.27 17.81 -34.70
C MET D 242 4.55 16.30 -34.73
N ILE D 243 5.69 15.97 -34.13
CA ILE D 243 6.18 14.60 -34.06
C ILE D 243 6.72 14.33 -32.66
N ASN D 244 6.83 13.07 -32.31
CA ASN D 244 7.40 12.67 -31.03
C ASN D 244 6.74 13.41 -29.87
N ASN D 245 5.41 13.50 -29.92
CA ASN D 245 4.69 14.29 -28.95
C ASN D 245 4.20 13.37 -27.82
N PHE D 246 5.16 12.73 -27.17
CA PHE D 246 4.90 11.87 -26.02
C PHE D 246 5.90 12.26 -24.94
N ARG D 247 5.44 12.17 -23.70
CA ARG D 247 6.32 12.37 -22.55
C ARG D 247 6.97 11.05 -22.16
N GLN D 248 8.22 11.09 -21.70
CA GLN D 248 8.84 9.90 -21.12
C GLN D 248 8.06 9.43 -19.91
N VAL D 249 8.19 8.13 -19.61
CA VAL D 249 7.57 7.59 -18.40
C VAL D 249 8.23 8.17 -17.14
N GLN D 250 7.45 8.18 -16.08
CA GLN D 250 7.78 8.84 -14.82
C GLN D 250 8.04 7.85 -13.70
N LYS D 251 8.75 8.32 -12.66
CA LYS D 251 8.86 7.51 -11.45
C LYS D 251 7.49 7.18 -10.85
N PHE D 252 7.40 6.01 -10.23
N PHE D 252 7.40 5.99 -10.26
CA PHE D 252 6.13 5.63 -9.63
CA PHE D 252 6.16 5.54 -9.62
C PHE D 252 5.75 6.40 -8.36
C PHE D 252 5.77 6.32 -8.34
N ASP D 253 6.70 6.92 -7.56
CA ASP D 253 6.34 7.62 -6.34
C ASP D 253 5.49 6.74 -5.41
N GLU D 254 5.82 5.40 -5.28
CA GLU D 254 5.17 4.47 -4.36
C GLU D 254 3.77 4.06 -4.85
N ARG D 255 3.29 4.56 -5.99
CA ARG D 255 2.03 4.08 -6.52
C ARG D 255 2.08 2.62 -6.98
N LEU D 256 0.91 1.93 -6.88
CA LEU D 256 0.65 0.72 -7.66
C LEU D 256 -0.31 1.05 -8.78
N VAL D 257 -0.33 0.16 -9.74
CA VAL D 257 -1.34 0.19 -10.78
C VAL D 257 -2.27 -0.98 -10.55
N TYR D 258 -3.56 -0.68 -10.43
CA TYR D 258 -4.56 -1.69 -10.13
C TYR D 258 -5.13 -2.24 -11.43
N THR D 259 -5.41 -3.54 -11.43
CA THR D 259 -5.89 -4.16 -12.63
C THR D 259 -7.25 -4.80 -12.38
N SER D 260 -8.07 -4.84 -13.42
CA SER D 260 -9.39 -5.49 -13.35
C SER D 260 -9.32 -6.95 -13.76
N PHE D 261 -8.11 -7.42 -14.02
CA PHE D 261 -7.84 -8.77 -14.49
C PHE D 261 -6.66 -9.35 -13.69
N SER D 262 -6.52 -10.69 -13.63
CA SER D 262 -5.30 -11.25 -13.04
C SER D 262 -4.37 -11.88 -14.08
#